data_1I8J
#
_entry.id   1I8J
#
_cell.length_a   128.741
_cell.length_b   128.741
_cell.length_c   142.760
_cell.angle_alpha   90.00
_cell.angle_beta   90.00
_cell.angle_gamma   90.00
#
_symmetry.space_group_name_H-M   'P 4 21 2'
#
loop_
_entity.id
_entity.type
_entity.pdbx_description
1 polymer 'PORPHOBILINOGEN SYNTHASE'
2 non-polymer 'ZINC ION'
3 non-polymer 'MAGNESIUM ION'
4 non-polymer '4,7-DIOXOSEBACIC ACID'
5 water water
#
_entity_poly.entity_id   1
_entity_poly.type   'polypeptide(L)'
_entity_poly.pdbx_seq_one_letter_code
;TDLIQRPRRLRKSPALRAMFEETTLSLNDLVLPIFVEEEIDDYKAVEAMPGVMRIPEKHLAREIERIANAGIRSVMTFGI
SHHTDETGSDAWREDGLVARMSRICKQTVPEMIVMSDTCFCEYTSHGHCGVLCEHGVDNDATLENLGKQAVVAAAAGADF
IAPSAAMDGQVQAIRQALDAAGFKDTAIMSYSTKFASSFYGPFREAAGSALKGDRKSYQMNPMNRREAIRESLLDEAQGA
DCLMVKPAGAYLDIVRELRERTELPIGAYQVSGEYAMIKFAALAGAIDEEKVVLESLGSIKRAGADLIFSYFALDLAEKK
ILR
;
_entity_poly.pdbx_strand_id   A,B
#
loop_
_chem_comp.id
_chem_comp.type
_chem_comp.name
_chem_comp.formula
DSB non-polymer '4,7-DIOXOSEBACIC ACID' 'C10 H14 O6'
MG non-polymer 'MAGNESIUM ION' 'Mg 2'
ZN non-polymer 'ZINC ION' 'Zn 2'
#
# COMPACT_ATOMS: atom_id res chain seq x y z
N THR A 1 -26.52 25.94 5.04
CA THR A 1 -27.21 24.96 4.16
C THR A 1 -28.04 24.04 5.03
N ASP A 2 -28.82 23.21 4.35
CA ASP A 2 -29.65 22.23 5.01
C ASP A 2 -29.06 20.85 4.63
N LEU A 3 -28.51 20.20 5.66
CA LEU A 3 -27.87 18.89 5.63
C LEU A 3 -28.24 18.30 6.98
N ILE A 4 -28.84 17.13 6.96
CA ILE A 4 -29.23 16.45 8.19
C ILE A 4 -28.02 15.59 8.59
N GLN A 5 -27.45 14.90 7.59
CA GLN A 5 -26.31 14.01 7.77
C GLN A 5 -25.01 14.81 7.74
N ARG A 6 -24.29 14.80 8.85
CA ARG A 6 -23.03 15.51 8.90
C ARG A 6 -21.92 14.66 9.52
N PRO A 7 -21.20 13.89 8.69
CA PRO A 7 -20.09 13.04 9.14
C PRO A 7 -19.16 13.79 10.08
N ARG A 8 -18.87 15.06 9.75
CA ARG A 8 -17.94 15.88 10.55
C ARG A 8 -18.30 15.99 12.01
N ARG A 9 -19.57 15.82 12.37
CA ARG A 9 -19.93 15.92 13.79
C ARG A 9 -19.10 15.02 14.77
N LEU A 10 -18.73 13.84 14.33
CA LEU A 10 -17.98 12.95 15.19
C LEU A 10 -16.43 13.11 15.07
N ARG A 11 -16.02 14.09 14.26
CA ARG A 11 -14.61 14.43 14.03
C ARG A 11 -14.15 15.75 14.74
N LYS A 12 -15.03 16.34 15.55
CA LYS A 12 -14.72 17.61 16.16
C LYS A 12 -13.56 17.67 17.18
N SER A 13 -13.35 16.65 17.98
CA SER A 13 -12.24 16.67 18.93
C SER A 13 -11.53 15.33 18.90
N PRO A 14 -10.33 15.28 19.48
CA PRO A 14 -9.54 14.04 19.54
C PRO A 14 -10.32 12.99 20.33
N ALA A 15 -11.07 13.45 21.34
CA ALA A 15 -11.88 12.57 22.20
C ALA A 15 -12.98 11.91 21.38
N LEU A 16 -13.72 12.72 20.60
CA LEU A 16 -14.78 12.16 19.78
C LEU A 16 -14.23 11.17 18.79
N ARG A 17 -13.12 11.52 18.12
CA ARG A 17 -12.49 10.64 17.11
C ARG A 17 -12.01 9.31 17.71
N ALA A 18 -11.55 9.39 18.96
CA ALA A 18 -11.10 8.22 19.70
C ALA A 18 -12.28 7.33 20.03
N MET A 19 -13.40 7.91 20.41
CA MET A 19 -14.59 7.13 20.73
C MET A 19 -15.12 6.39 19.52
N PHE A 20 -15.06 7.05 18.36
CA PHE A 20 -15.58 6.50 17.10
C PHE A 20 -14.63 5.81 16.14
N GLU A 21 -13.39 5.59 16.58
CA GLU A 21 -12.38 4.88 15.80
C GLU A 21 -12.81 3.39 15.68
N GLU A 22 -12.92 2.93 14.43
CA GLU A 22 -13.43 1.59 14.16
C GLU A 22 -12.48 0.45 14.33
N THR A 23 -11.18 0.72 14.10
CA THR A 23 -10.06 -0.24 14.10
C THR A 23 -9.00 0.16 15.10
N THR A 24 -8.41 -0.84 15.74
CA THR A 24 -7.34 -0.61 16.69
C THR A 24 -6.18 -1.58 16.38
N LEU A 25 -4.99 -1.20 16.81
CA LEU A 25 -3.79 -1.98 16.55
C LEU A 25 -3.07 -2.18 17.87
N SER A 26 -2.73 -3.41 18.23
CA SER A 26 -1.99 -3.67 19.47
C SER A 26 -0.65 -4.31 19.15
N LEU A 27 0.20 -4.43 20.17
CA LEU A 27 1.50 -5.04 19.98
C LEU A 27 1.25 -6.54 19.67
N ASN A 28 0.12 -7.03 20.16
CA ASN A 28 -0.33 -8.41 19.98
C ASN A 28 -0.55 -8.83 18.53
N ASP A 29 -0.87 -7.86 17.69
CA ASP A 29 -1.14 -8.14 16.29
C ASP A 29 0.15 -8.39 15.51
N LEU A 30 1.29 -8.05 16.12
CA LEU A 30 2.56 -8.17 15.41
C LEU A 30 3.40 -9.45 15.62
N VAL A 31 4.00 -9.92 14.52
CA VAL A 31 4.89 -11.08 14.51
C VAL A 31 6.23 -10.50 13.97
N LEU A 32 7.32 -10.81 14.67
CA LEU A 32 8.63 -10.28 14.29
C LEU A 32 9.52 -11.24 13.49
N PRO A 33 9.80 -10.89 12.20
CA PRO A 33 10.67 -11.72 11.34
C PRO A 33 12.09 -11.50 11.87
N ILE A 34 12.81 -12.59 12.16
CA ILE A 34 14.21 -12.50 12.63
C ILE A 34 15.14 -13.25 11.65
N PHE A 35 16.30 -12.61 11.38
CA PHE A 35 17.32 -13.13 10.48
C PHE A 35 18.46 -13.64 11.37
N VAL A 36 18.76 -14.93 11.25
CA VAL A 36 19.82 -15.59 12.01
C VAL A 36 20.89 -16.19 11.10
N GLU A 37 22.15 -15.76 11.28
CA GLU A 37 23.24 -16.30 10.47
C GLU A 37 24.14 -17.23 11.25
N GLU A 38 24.30 -18.45 10.78
CA GLU A 38 25.19 -19.40 11.44
C GLU A 38 26.65 -19.05 11.16
N GLU A 39 27.53 -19.79 11.84
CA GLU A 39 28.99 -19.66 11.71
C GLU A 39 29.52 -18.17 11.55
N ILE A 40 28.93 -17.16 12.22
CA ILE A 40 29.50 -15.77 12.16
C ILE A 40 29.58 -15.15 13.55
N ASP A 41 30.29 -14.02 13.66
CA ASP A 41 30.50 -13.36 14.96
C ASP A 41 29.90 -11.99 15.22
N ASP A 42 29.92 -11.15 14.21
CA ASP A 42 29.35 -9.84 14.39
C ASP A 42 27.99 -9.69 13.68
N TYR A 43 27.06 -9.00 14.34
CA TYR A 43 25.77 -8.69 13.74
C TYR A 43 26.07 -7.93 12.42
N LYS A 44 25.38 -8.28 11.33
CA LYS A 44 25.58 -7.59 10.05
C LYS A 44 24.37 -6.72 9.69
N ALA A 45 24.59 -5.47 9.37
CA ALA A 45 23.48 -4.62 8.98
C ALA A 45 23.05 -5.03 7.56
N VAL A 46 21.74 -4.92 7.29
CA VAL A 46 21.20 -5.20 5.97
C VAL A 46 21.02 -3.78 5.42
N GLU A 47 21.80 -3.43 4.39
CA GLU A 47 21.78 -2.11 3.77
C GLU A 47 20.44 -1.73 3.19
N ALA A 48 19.83 -2.65 2.47
CA ALA A 48 18.52 -2.44 1.86
C ALA A 48 17.43 -2.27 2.94
N MET A 49 17.74 -2.67 4.17
CA MET A 49 16.78 -2.59 5.26
C MET A 49 17.33 -1.87 6.47
N PRO A 50 17.39 -0.52 6.39
CA PRO A 50 17.89 0.38 7.44
C PRO A 50 17.37 0.03 8.84
N GLY A 51 18.25 -0.49 9.69
CA GLY A 51 17.84 -0.85 11.04
C GLY A 51 17.81 -2.35 11.28
N VAL A 52 17.76 -3.14 10.22
CA VAL A 52 17.70 -4.58 10.39
C VAL A 52 19.14 -5.11 10.31
N MET A 53 19.38 -6.18 11.04
CA MET A 53 20.69 -6.80 11.06
C MET A 53 20.53 -8.28 11.21
N ARG A 54 21.46 -9.04 10.63
CA ARG A 54 21.46 -10.48 10.81
C ARG A 54 22.00 -10.67 12.24
N ILE A 55 21.37 -11.58 12.97
CA ILE A 55 21.71 -11.91 14.34
C ILE A 55 22.67 -13.08 14.25
N PRO A 56 23.83 -12.98 14.91
CA PRO A 56 24.72 -14.15 14.81
C PRO A 56 24.11 -15.24 15.64
N GLU A 57 24.17 -16.46 15.14
CA GLU A 57 23.62 -17.60 15.85
C GLU A 57 24.07 -17.65 17.33
N LYS A 58 25.30 -17.23 17.58
CA LYS A 58 25.85 -17.26 18.93
C LYS A 58 25.17 -16.24 19.82
N HIS A 59 24.51 -15.28 19.20
CA HIS A 59 23.78 -14.25 19.94
C HIS A 59 22.23 -14.45 19.96
N LEU A 60 21.70 -15.37 19.14
CA LEU A 60 20.26 -15.63 19.12
C LEU A 60 19.64 -15.80 20.52
N ALA A 61 20.24 -16.61 21.41
CA ALA A 61 19.64 -16.78 22.75
C ALA A 61 19.40 -15.44 23.47
N ARG A 62 20.32 -14.51 23.20
CA ARG A 62 20.31 -13.15 23.74
C ARG A 62 19.24 -12.22 23.05
N GLU A 63 19.18 -12.26 21.72
CA GLU A 63 18.20 -11.46 20.99
C GLU A 63 16.78 -11.95 21.26
N ILE A 64 16.54 -13.25 21.29
CA ILE A 64 15.18 -13.74 21.53
C ILE A 64 14.71 -13.36 22.94
N GLU A 65 15.64 -13.17 23.86
CA GLU A 65 15.27 -12.78 25.22
C GLU A 65 14.97 -11.29 25.14
N ARG A 66 15.75 -10.58 24.34
CA ARG A 66 15.52 -9.16 24.18
C ARG A 66 14.12 -8.91 23.61
N ILE A 67 13.82 -9.57 22.47
CA ILE A 67 12.53 -9.52 21.77
C ILE A 67 11.41 -9.87 22.75
N ALA A 68 11.51 -11.02 23.42
CA ALA A 68 10.46 -11.44 24.35
C ALA A 68 10.26 -10.47 25.47
N ASN A 69 11.34 -9.83 25.92
CA ASN A 69 11.25 -8.87 27.04
C ASN A 69 10.54 -7.59 26.59
N ALA A 70 10.62 -7.28 25.29
CA ALA A 70 9.97 -6.08 24.74
C ALA A 70 8.46 -6.30 24.62
N GLY A 71 8.03 -7.55 24.80
CA GLY A 71 6.62 -7.86 24.71
C GLY A 71 6.19 -8.52 23.39
N ILE A 72 7.13 -8.78 22.48
CA ILE A 72 6.78 -9.45 21.22
C ILE A 72 6.36 -10.89 21.56
N ARG A 73 5.21 -11.33 21.08
CA ARG A 73 4.73 -12.67 21.38
C ARG A 73 5.15 -13.73 20.40
N SER A 74 5.56 -13.33 19.20
CA SER A 74 5.90 -14.31 18.19
C SER A 74 6.97 -13.79 17.24
N VAL A 75 7.72 -14.74 16.64
CA VAL A 75 8.75 -14.44 15.67
C VAL A 75 8.62 -15.45 14.50
N MET A 76 9.21 -15.07 13.36
CA MET A 76 9.27 -15.89 12.15
C MET A 76 10.79 -16.02 11.85
N THR A 77 11.32 -17.23 11.91
CA THR A 77 12.76 -17.45 11.71
C THR A 77 13.23 -17.65 10.27
N PHE A 78 14.22 -16.85 9.89
CA PHE A 78 14.86 -16.94 8.57
C PHE A 78 16.38 -17.10 8.78
N GLY A 79 16.96 -18.14 8.21
CA GLY A 79 18.40 -18.33 8.38
C GLY A 79 19.26 -17.93 7.16
N ILE A 80 20.51 -17.53 7.43
CA ILE A 80 21.42 -17.23 6.34
C ILE A 80 22.39 -18.42 6.40
N SER A 81 22.37 -19.22 5.34
CA SER A 81 23.13 -20.47 5.24
C SER A 81 24.60 -20.44 4.75
N HIS A 82 25.42 -21.30 5.35
CA HIS A 82 26.84 -21.48 4.99
C HIS A 82 27.03 -22.92 4.59
N HIS A 83 25.92 -23.61 4.33
CA HIS A 83 25.99 -24.99 3.91
C HIS A 83 24.91 -25.23 2.86
N THR A 84 24.93 -24.37 1.85
CA THR A 84 24.01 -24.45 0.72
C THR A 84 24.41 -25.60 -0.22
N ASP A 85 23.48 -26.15 -0.96
CA ASP A 85 23.76 -27.23 -1.89
C ASP A 85 22.61 -27.30 -2.88
N GLU A 86 22.64 -28.26 -3.82
CA GLU A 86 21.62 -28.28 -4.85
C GLU A 86 20.18 -28.52 -4.44
N THR A 87 19.95 -29.22 -3.33
CA THR A 87 18.59 -29.47 -2.86
C THR A 87 18.17 -28.69 -1.57
N GLY A 88 19.10 -27.99 -0.94
CA GLY A 88 18.82 -27.24 0.29
C GLY A 88 18.57 -28.21 1.44
N SER A 89 19.27 -29.35 1.42
CA SER A 89 19.11 -30.40 2.41
C SER A 89 19.48 -30.07 3.84
N ASP A 90 20.16 -28.95 4.07
CA ASP A 90 20.54 -28.60 5.45
C ASP A 90 19.30 -28.19 6.20
N ALA A 91 18.26 -27.83 5.43
CA ALA A 91 16.96 -27.43 5.97
C ALA A 91 16.26 -28.64 6.64
N TRP A 92 16.51 -29.88 6.18
CA TRP A 92 15.87 -31.00 6.88
C TRP A 92 16.84 -31.85 7.72
N ARG A 93 18.00 -31.27 8.03
CA ARG A 93 19.02 -31.93 8.84
C ARG A 93 18.50 -31.75 10.23
N GLU A 94 18.28 -32.83 10.97
CA GLU A 94 17.73 -32.66 12.29
C GLU A 94 18.52 -31.67 13.13
N ASP A 95 19.74 -31.37 12.70
CA ASP A 95 20.54 -30.40 13.42
C ASP A 95 21.02 -29.18 12.63
N GLY A 96 20.44 -28.97 11.45
CA GLY A 96 20.85 -27.84 10.64
C GLY A 96 20.27 -26.55 11.18
N LEU A 97 20.60 -25.45 10.50
CA LEU A 97 20.19 -24.09 10.92
C LEU A 97 18.70 -23.91 11.28
N VAL A 98 17.81 -24.42 10.42
CA VAL A 98 16.37 -24.34 10.63
C VAL A 98 15.97 -24.95 12.00
N ALA A 99 16.43 -26.20 12.29
CA ALA A 99 16.16 -26.90 13.59
C ALA A 99 16.72 -26.11 14.77
N ARG A 100 17.98 -25.72 14.59
CA ARG A 100 18.75 -24.95 15.57
C ARG A 100 18.12 -23.62 15.94
N MET A 101 17.65 -22.84 14.95
CA MET A 101 17.02 -21.53 15.23
C MET A 101 15.80 -21.71 16.17
N SER A 102 14.98 -22.72 15.87
CA SER A 102 13.79 -23.03 16.65
C SER A 102 14.22 -23.45 18.05
N ARG A 103 15.08 -24.48 18.09
CA ARG A 103 15.63 -25.08 19.32
C ARG A 103 16.04 -23.98 20.25
N ILE A 104 16.89 -23.10 19.78
CA ILE A 104 17.38 -21.99 20.61
C ILE A 104 16.27 -21.07 21.13
N CYS A 105 15.30 -20.74 20.26
CA CYS A 105 14.23 -19.83 20.65
C CYS A 105 13.33 -20.42 21.74
N LYS A 106 12.86 -21.65 21.51
CA LYS A 106 11.99 -22.35 22.47
C LYS A 106 12.69 -22.69 23.77
N GLN A 107 13.99 -22.95 23.70
CA GLN A 107 14.79 -23.28 24.88
C GLN A 107 14.97 -22.04 25.71
N THR A 108 15.24 -20.92 25.04
CA THR A 108 15.43 -19.63 25.71
C THR A 108 14.16 -18.97 26.29
N VAL A 109 13.06 -18.94 25.51
CA VAL A 109 11.77 -18.36 25.93
C VAL A 109 10.71 -19.37 25.52
N PRO A 110 10.42 -20.33 26.42
CA PRO A 110 9.46 -21.41 26.27
C PRO A 110 8.11 -20.95 25.81
N GLU A 111 7.72 -19.75 26.23
CA GLU A 111 6.42 -19.18 25.85
C GLU A 111 6.43 -18.38 24.56
N MET A 112 7.60 -18.22 23.95
CA MET A 112 7.72 -17.52 22.70
C MET A 112 7.05 -18.35 21.61
N ILE A 113 6.21 -17.71 20.79
CA ILE A 113 5.55 -18.39 19.66
C ILE A 113 6.52 -18.33 18.45
N VAL A 114 7.12 -19.50 18.19
CA VAL A 114 8.09 -19.71 17.13
C VAL A 114 7.52 -20.27 15.82
N MET A 115 7.50 -19.39 14.81
CA MET A 115 7.03 -19.75 13.50
C MET A 115 8.30 -19.89 12.71
N SER A 116 8.51 -21.10 12.18
CA SER A 116 9.70 -21.40 11.39
C SER A 116 9.43 -21.28 9.90
N ASP A 117 10.07 -20.31 9.24
CA ASP A 117 9.86 -20.20 7.77
C ASP A 117 10.26 -21.53 7.16
N THR A 118 9.41 -22.08 6.27
CA THR A 118 9.66 -23.37 5.63
C THR A 118 9.84 -23.37 4.12
N CYS A 119 11.09 -23.27 3.67
CA CYS A 119 11.39 -23.27 2.24
C CYS A 119 12.82 -23.73 2.04
N PHE A 120 13.36 -23.43 0.85
CA PHE A 120 14.73 -23.82 0.51
C PHE A 120 15.55 -22.77 -0.19
N CYS A 121 14.92 -21.69 -0.63
CA CYS A 121 15.62 -20.64 -1.37
C CYS A 121 16.81 -20.01 -0.62
N GLU A 122 16.90 -20.27 0.67
CA GLU A 122 17.99 -19.76 1.47
C GLU A 122 19.11 -20.82 1.68
N TYR A 123 18.80 -22.08 1.32
CA TYR A 123 19.67 -23.26 1.48
C TYR A 123 20.10 -23.90 0.18
N THR A 124 19.69 -23.35 -0.96
CA THR A 124 20.04 -23.96 -2.24
C THR A 124 21.08 -23.11 -2.97
N SER A 125 21.94 -23.79 -3.70
CA SER A 125 22.96 -23.09 -4.42
C SER A 125 22.33 -22.23 -5.53
N HIS A 126 21.22 -22.67 -6.11
CA HIS A 126 20.56 -21.90 -7.18
C HIS A 126 19.59 -20.80 -6.69
N GLY A 127 19.26 -20.81 -5.39
CA GLY A 127 18.38 -19.79 -4.83
C GLY A 127 16.90 -19.99 -5.10
N HIS A 128 16.50 -21.14 -5.64
CA HIS A 128 15.10 -21.43 -5.90
C HIS A 128 14.46 -22.10 -4.70
N CYS A 129 13.13 -21.93 -4.53
CA CYS A 129 12.36 -22.49 -3.40
C CYS A 129 12.06 -24.02 -3.45
N GLY A 130 13.04 -24.78 -3.94
CA GLY A 130 12.88 -26.22 -4.03
C GLY A 130 13.89 -26.93 -4.94
N VAL A 131 13.49 -28.12 -5.37
CA VAL A 131 14.27 -28.98 -6.25
C VAL A 131 14.18 -28.52 -7.75
N LEU A 132 15.31 -28.15 -8.34
CA LEU A 132 15.35 -27.75 -9.73
C LEU A 132 15.43 -29.08 -10.52
N CYS A 133 14.65 -29.23 -11.57
CA CYS A 133 14.70 -30.42 -12.40
C CYS A 133 14.72 -29.89 -13.85
N GLU A 134 14.78 -30.75 -14.88
CA GLU A 134 14.83 -30.23 -16.26
C GLU A 134 13.78 -29.14 -16.42
N HIS A 135 12.58 -29.47 -15.93
CA HIS A 135 11.38 -28.62 -15.96
C HIS A 135 11.36 -27.19 -15.32
N GLY A 136 11.90 -27.04 -14.10
CA GLY A 136 11.90 -25.75 -13.40
C GLY A 136 11.90 -26.19 -11.96
N VAL A 137 11.24 -25.48 -11.04
CA VAL A 137 11.23 -26.02 -9.68
C VAL A 137 10.21 -27.20 -9.65
N ASP A 138 10.68 -28.41 -9.28
CA ASP A 138 9.85 -29.63 -9.24
C ASP A 138 8.89 -29.60 -8.03
N ASN A 139 7.62 -29.38 -8.33
CA ASN A 139 6.62 -29.30 -7.28
C ASN A 139 6.60 -30.50 -6.29
N ASP A 140 6.44 -31.70 -6.83
CA ASP A 140 6.33 -32.88 -5.99
C ASP A 140 7.61 -33.33 -5.24
N ALA A 141 8.78 -33.13 -5.86
CA ALA A 141 10.07 -33.45 -5.22
C ALA A 141 10.22 -32.45 -4.03
N THR A 142 9.84 -31.19 -4.28
CA THR A 142 9.90 -30.15 -3.25
C THR A 142 8.88 -30.45 -2.13
N LEU A 143 7.69 -30.95 -2.48
CA LEU A 143 6.72 -31.29 -1.43
C LEU A 143 7.35 -32.28 -0.45
N GLU A 144 8.01 -33.33 -0.97
CA GLU A 144 8.71 -34.37 -0.18
C GLU A 144 9.65 -33.77 0.88
N ASN A 145 10.52 -32.89 0.40
CA ASN A 145 11.50 -32.18 1.22
C ASN A 145 10.89 -31.21 2.23
N LEU A 146 9.79 -30.53 1.83
CA LEU A 146 9.05 -29.60 2.70
C LEU A 146 8.48 -30.40 3.90
N GLY A 147 8.02 -31.62 3.65
CA GLY A 147 7.52 -32.46 4.73
C GLY A 147 8.60 -32.87 5.76
N LYS A 148 9.78 -33.29 5.28
CA LYS A 148 10.92 -33.70 6.12
C LYS A 148 11.42 -32.53 6.95
N GLN A 149 11.46 -31.34 6.33
CA GLN A 149 11.88 -30.13 7.04
C GLN A 149 10.86 -29.84 8.15
N ALA A 150 9.57 -29.99 7.83
CA ALA A 150 8.49 -29.78 8.79
C ALA A 150 8.72 -30.60 10.06
N VAL A 151 8.94 -31.91 9.88
CA VAL A 151 9.12 -32.77 11.03
C VAL A 151 10.33 -32.37 11.91
N VAL A 152 11.48 -32.00 11.31
CA VAL A 152 12.65 -31.61 12.13
C VAL A 152 12.45 -30.23 12.80
N ALA A 153 11.69 -29.36 12.15
CA ALA A 153 11.41 -28.05 12.74
C ALA A 153 10.45 -28.29 13.92
N ALA A 154 9.44 -29.14 13.71
CA ALA A 154 8.48 -29.47 14.79
C ALA A 154 9.31 -30.15 15.89
N ALA A 155 10.22 -31.03 15.49
CA ALA A 155 11.07 -31.72 16.44
C ALA A 155 11.84 -30.70 17.30
N ALA A 156 12.43 -29.69 16.65
CA ALA A 156 13.18 -28.61 17.34
C ALA A 156 12.30 -27.66 18.26
N GLY A 157 10.98 -27.77 18.12
CA GLY A 157 10.09 -26.96 18.92
C GLY A 157 9.27 -25.88 18.22
N ALA A 158 9.37 -25.76 16.89
CA ALA A 158 8.61 -24.72 16.15
C ALA A 158 7.16 -24.92 16.45
N ASP A 159 6.45 -23.81 16.68
CA ASP A 159 5.02 -23.80 17.01
C ASP A 159 4.19 -23.84 15.75
N PHE A 160 4.67 -23.18 14.70
CA PHE A 160 3.99 -23.19 13.40
C PHE A 160 5.03 -23.54 12.37
N ILE A 161 4.66 -24.36 11.40
CA ILE A 161 5.52 -24.66 10.26
C ILE A 161 4.90 -23.76 9.16
N ALA A 162 5.67 -22.79 8.68
CA ALA A 162 5.19 -21.81 7.69
C ALA A 162 5.68 -22.00 6.24
N PRO A 163 5.02 -22.86 5.42
CA PRO A 163 5.55 -23.00 4.07
C PRO A 163 5.48 -21.75 3.20
N SER A 164 6.64 -21.29 2.70
CA SER A 164 6.68 -20.12 1.80
C SER A 164 7.24 -20.51 0.42
N ALA A 165 7.21 -21.81 0.10
CA ALA A 165 7.75 -22.30 -1.17
C ALA A 165 6.83 -22.12 -2.35
N ALA A 166 5.56 -21.75 -2.11
CA ALA A 166 4.50 -21.58 -3.16
C ALA A 166 4.37 -22.84 -4.03
N MET A 167 4.38 -23.99 -3.38
CA MET A 167 4.23 -25.28 -4.02
C MET A 167 2.80 -25.75 -3.82
N ASP A 168 2.17 -26.23 -4.89
CA ASP A 168 0.81 -26.76 -4.77
C ASP A 168 0.79 -27.95 -3.82
N GLY A 169 -0.26 -28.01 -3.02
CA GLY A 169 -0.37 -29.13 -2.12
C GLY A 169 0.61 -29.10 -0.94
N GLN A 170 1.36 -28.00 -0.79
CA GLN A 170 2.33 -27.91 0.30
C GLN A 170 1.71 -28.08 1.69
N VAL A 171 0.54 -27.46 1.93
CA VAL A 171 -0.13 -27.62 3.23
C VAL A 171 -0.50 -29.09 3.50
N GLN A 172 -1.12 -29.74 2.52
CA GLN A 172 -1.43 -31.16 2.67
C GLN A 172 -0.17 -32.02 2.98
N ALA A 173 0.88 -31.78 2.20
CA ALA A 173 2.13 -32.50 2.38
C ALA A 173 2.69 -32.32 3.78
N ILE A 174 2.76 -31.07 4.25
CA ILE A 174 3.27 -30.79 5.57
C ILE A 174 2.37 -31.34 6.66
N ARG A 175 1.05 -31.29 6.47
CA ARG A 175 0.11 -31.81 7.48
C ARG A 175 0.24 -33.36 7.68
N GLN A 176 0.35 -34.13 6.58
CA GLN A 176 0.51 -35.58 6.64
C GLN A 176 1.85 -35.97 7.28
N ALA A 177 2.91 -35.30 6.85
CA ALA A 177 4.24 -35.54 7.39
C ALA A 177 4.21 -35.27 8.90
N LEU A 178 3.70 -34.12 9.34
CA LEU A 178 3.66 -33.81 10.78
C LEU A 178 2.85 -34.85 11.58
N ASP A 179 1.68 -35.19 11.07
CA ASP A 179 0.80 -36.15 11.73
C ASP A 179 1.50 -37.51 11.87
N ALA A 180 2.04 -38.02 10.77
CA ALA A 180 2.73 -39.31 10.73
C ALA A 180 3.85 -39.40 11.73
N ALA A 181 4.52 -38.28 11.98
CA ALA A 181 5.64 -38.24 12.91
C ALA A 181 5.22 -37.94 14.36
N GLY A 182 3.92 -37.90 14.63
CA GLY A 182 3.49 -37.64 15.98
C GLY A 182 3.47 -36.17 16.38
N PHE A 183 3.37 -35.30 15.37
CA PHE A 183 3.30 -33.86 15.57
C PHE A 183 1.94 -33.32 15.12
N LYS A 184 0.89 -34.07 15.46
CA LYS A 184 -0.45 -33.68 15.07
C LYS A 184 -0.90 -32.36 15.73
N ASP A 185 -0.14 -31.92 16.71
CA ASP A 185 -0.46 -30.66 17.36
C ASP A 185 0.31 -29.47 16.83
N THR A 186 1.28 -29.70 15.94
CA THR A 186 2.07 -28.59 15.38
C THR A 186 1.17 -27.91 14.35
N ALA A 187 1.10 -26.59 14.43
CA ALA A 187 0.29 -25.79 13.54
C ALA A 187 0.99 -25.43 12.22
N ILE A 188 0.17 -25.11 11.21
CA ILE A 188 0.66 -24.66 9.91
C ILE A 188 0.19 -23.21 9.66
N MET A 189 1.15 -22.28 9.45
CA MET A 189 0.92 -20.87 9.12
C MET A 189 1.25 -20.85 7.63
N SER A 190 0.29 -21.16 6.77
CA SER A 190 0.57 -21.20 5.33
C SER A 190 0.77 -19.86 4.68
N TYR A 191 1.79 -19.70 3.84
CA TYR A 191 1.88 -18.43 3.11
C TYR A 191 0.99 -18.78 1.92
N SER A 192 -0.31 -18.91 2.20
CA SER A 192 -1.34 -19.33 1.24
C SER A 192 -1.49 -18.55 -0.06
N THR A 193 -1.58 -17.23 0.02
CA THR A 193 -1.67 -16.39 -1.16
C THR A 193 -0.36 -15.61 -1.13
N LYS A 194 0.59 -16.01 -1.95
CA LYS A 194 1.93 -15.39 -1.97
C LYS A 194 2.24 -15.04 -3.40
N PHE A 195 2.29 -13.73 -3.63
CA PHE A 195 2.50 -13.13 -4.94
C PHE A 195 3.96 -13.07 -5.42
N ALA A 196 4.14 -13.14 -6.72
CA ALA A 196 5.46 -13.08 -7.35
C ALA A 196 5.68 -11.56 -7.42
N SER A 197 6.02 -11.02 -6.26
CA SER A 197 6.20 -9.60 -6.10
C SER A 197 7.61 -9.08 -6.40
N SER A 198 7.72 -7.77 -6.64
CA SER A 198 8.99 -7.11 -6.90
C SER A 198 9.38 -6.37 -5.63
N PHE A 199 8.70 -6.64 -4.52
CA PHE A 199 8.97 -5.97 -3.24
C PHE A 199 9.86 -6.76 -2.24
N TYR A 200 10.41 -7.90 -2.69
CA TYR A 200 11.22 -8.72 -1.81
C TYR A 200 12.74 -8.51 -1.96
N GLY A 201 13.16 -7.57 -2.82
CA GLY A 201 14.58 -7.33 -2.99
C GLY A 201 15.34 -7.18 -1.67
N PRO A 202 14.91 -6.26 -0.77
CA PRO A 202 15.61 -6.09 0.51
C PRO A 202 15.72 -7.40 1.29
N PHE A 203 14.63 -8.18 1.35
CA PHE A 203 14.61 -9.45 2.05
C PHE A 203 15.67 -10.40 1.49
N ARG A 204 15.73 -10.55 0.17
CA ARG A 204 16.70 -11.45 -0.46
C ARG A 204 18.13 -11.03 -0.08
N GLU A 205 18.39 -9.72 -0.02
CA GLU A 205 19.69 -9.16 0.40
C GLU A 205 19.89 -9.64 1.85
N ALA A 206 18.90 -9.39 2.69
CA ALA A 206 18.96 -9.79 4.09
C ALA A 206 19.11 -11.29 4.35
N ALA A 207 18.52 -12.13 3.50
CA ALA A 207 18.52 -13.55 3.74
C ALA A 207 19.51 -14.36 2.94
N GLY A 208 20.25 -13.68 2.08
CA GLY A 208 21.25 -14.37 1.25
C GLY A 208 20.69 -15.33 0.22
N SER A 209 19.51 -15.03 -0.32
CA SER A 209 18.92 -15.87 -1.32
C SER A 209 19.69 -15.70 -2.64
N ALA A 210 20.46 -16.74 -3.00
CA ALA A 210 21.28 -16.81 -4.21
C ALA A 210 20.56 -16.98 -5.59
N LEU A 211 19.42 -16.33 -5.80
CA LEU A 211 18.63 -16.44 -7.06
C LEU A 211 18.87 -15.35 -8.12
N LYS A 212 19.05 -15.77 -9.37
CA LYS A 212 19.30 -14.85 -10.49
C LYS A 212 18.07 -14.65 -11.40
N GLY A 213 17.21 -15.66 -11.51
CA GLY A 213 15.99 -15.51 -12.31
C GLY A 213 14.84 -14.97 -11.46
N ASP A 214 13.63 -15.52 -11.59
CA ASP A 214 12.45 -15.11 -10.78
C ASP A 214 11.67 -16.33 -10.21
N ARG A 215 10.58 -16.09 -9.49
CA ARG A 215 9.80 -17.18 -8.96
C ARG A 215 8.41 -17.20 -9.56
N LYS A 216 8.28 -16.55 -10.71
CA LYS A 216 7.02 -16.44 -11.42
C LYS A 216 6.35 -17.77 -11.79
N SER A 217 7.10 -18.86 -11.76
CA SER A 217 6.46 -20.13 -12.10
C SER A 217 5.82 -20.82 -10.89
N TYR A 218 5.90 -20.23 -9.69
CA TYR A 218 5.25 -20.83 -8.49
C TYR A 218 4.52 -19.75 -7.68
N GLN A 219 5.22 -18.67 -7.34
CA GLN A 219 4.59 -17.56 -6.64
C GLN A 219 3.55 -17.03 -7.67
N MET A 220 2.36 -16.62 -7.20
CA MET A 220 1.33 -16.21 -8.16
C MET A 220 1.31 -14.78 -8.72
N ASN A 221 0.58 -14.62 -9.82
CA ASN A 221 0.50 -13.33 -10.49
C ASN A 221 -0.13 -12.17 -9.62
N PRO A 222 0.61 -11.04 -9.39
CA PRO A 222 0.09 -9.88 -8.61
C PRO A 222 -1.30 -9.39 -9.03
N MET A 223 -1.62 -9.54 -10.33
CA MET A 223 -2.88 -9.07 -10.93
C MET A 223 -4.10 -9.94 -10.78
N ASN A 224 -3.93 -11.16 -10.28
CA ASN A 224 -5.03 -12.12 -10.21
C ASN A 224 -5.78 -12.21 -8.91
N ARG A 225 -6.76 -11.33 -8.71
CA ARG A 225 -7.53 -11.38 -7.46
C ARG A 225 -8.36 -12.67 -7.21
N ARG A 226 -8.98 -13.20 -8.28
CA ARG A 226 -9.79 -14.43 -8.21
C ARG A 226 -8.86 -15.61 -7.82
N GLU A 227 -7.74 -15.71 -8.54
CA GLU A 227 -6.79 -16.79 -8.25
C GLU A 227 -6.26 -16.66 -6.79
N ALA A 228 -6.02 -15.42 -6.35
CA ALA A 228 -5.52 -15.21 -4.98
C ALA A 228 -6.46 -15.86 -3.91
N ILE A 229 -7.77 -15.66 -4.06
CA ILE A 229 -8.72 -16.22 -3.14
C ILE A 229 -8.71 -17.74 -3.19
N ARG A 230 -8.74 -18.28 -4.41
CA ARG A 230 -8.73 -19.71 -4.62
C ARG A 230 -7.46 -20.38 -4.01
N GLU A 231 -6.29 -19.69 -4.07
CA GLU A 231 -5.03 -20.18 -3.50
C GLU A 231 -5.18 -20.37 -2.00
N SER A 232 -5.80 -19.40 -1.35
CA SER A 232 -6.02 -19.49 0.08
C SER A 232 -7.09 -20.49 0.51
N LEU A 233 -8.16 -20.56 -0.27
CA LEU A 233 -9.26 -21.48 0.05
C LEU A 233 -8.85 -22.94 -0.14
N LEU A 234 -7.95 -23.23 -1.12
CA LEU A 234 -7.37 -24.58 -1.30
C LEU A 234 -6.61 -24.97 -0.03
N ASP A 235 -5.85 -24.02 0.58
CA ASP A 235 -5.06 -24.27 1.82
C ASP A 235 -5.92 -24.48 3.04
N GLU A 236 -7.04 -23.78 3.07
CA GLU A 236 -8.00 -23.97 4.14
C GLU A 236 -8.47 -25.44 3.99
N ALA A 237 -8.76 -25.82 2.75
CA ALA A 237 -9.27 -27.16 2.50
C ALA A 237 -8.27 -28.22 2.89
N GLN A 238 -6.97 -27.91 2.79
CA GLN A 238 -5.92 -28.89 3.17
C GLN A 238 -5.51 -28.86 4.65
N GLY A 239 -6.23 -28.11 5.47
CA GLY A 239 -5.95 -28.07 6.90
C GLY A 239 -5.11 -26.98 7.53
N ALA A 240 -4.82 -25.88 6.82
CA ALA A 240 -4.00 -24.82 7.42
C ALA A 240 -4.74 -24.23 8.65
N ASP A 241 -3.97 -23.82 9.65
CA ASP A 241 -4.56 -23.27 10.86
C ASP A 241 -4.71 -21.78 10.64
N CYS A 242 -3.82 -21.25 9.82
CA CYS A 242 -3.85 -19.84 9.54
C CYS A 242 -3.42 -19.62 8.08
N LEU A 243 -4.07 -18.65 7.45
CA LEU A 243 -3.83 -18.30 6.07
C LEU A 243 -3.01 -17.00 6.05
N MET A 244 -2.63 -16.55 4.87
CA MET A 244 -1.82 -15.36 4.76
C MET A 244 -1.81 -14.73 3.37
N VAL A 245 -1.72 -13.41 3.35
CA VAL A 245 -1.60 -12.63 2.13
C VAL A 245 -0.19 -11.98 2.19
N LYS A 246 0.63 -12.21 1.16
CA LYS A 246 1.99 -11.68 1.08
C LYS A 246 2.28 -11.26 -0.36
N PRO A 247 2.61 -9.96 -0.58
CA PRO A 247 2.73 -8.83 0.37
C PRO A 247 1.35 -8.35 0.93
N ALA A 248 1.38 -7.45 1.90
CA ALA A 248 0.16 -6.93 2.53
C ALA A 248 -0.20 -5.56 2.05
N GLY A 249 0.78 -4.69 2.12
CA GLY A 249 0.62 -3.31 1.76
C GLY A 249 -0.13 -2.91 0.52
N ALA A 250 0.22 -3.45 -0.65
CA ALA A 250 -0.48 -3.10 -1.87
C ALA A 250 -1.51 -4.20 -2.25
N TYR A 251 -1.93 -5.00 -1.25
CA TYR A 251 -2.92 -6.08 -1.47
C TYR A 251 -4.04 -6.08 -0.45
N LEU A 252 -4.47 -4.92 0.05
CA LEU A 252 -5.52 -4.97 1.08
C LEU A 252 -6.91 -5.28 0.55
N ASP A 253 -7.05 -5.22 -0.77
CA ASP A 253 -8.31 -5.59 -1.39
C ASP A 253 -8.39 -7.14 -1.29
N ILE A 254 -7.25 -7.79 -1.47
CA ILE A 254 -7.15 -9.25 -1.38
C ILE A 254 -7.39 -9.68 0.07
N VAL A 255 -6.85 -8.92 1.03
CA VAL A 255 -7.05 -9.27 2.44
C VAL A 255 -8.55 -9.19 2.78
N ARG A 256 -9.19 -8.09 2.39
CA ARG A 256 -10.60 -7.89 2.66
C ARG A 256 -11.46 -8.97 1.96
N GLU A 257 -11.17 -9.26 0.70
CA GLU A 257 -11.93 -10.29 0.01
C GLU A 257 -11.80 -11.64 0.68
N LEU A 258 -10.58 -12.02 1.06
CA LEU A 258 -10.36 -13.30 1.75
C LEU A 258 -11.06 -13.30 3.11
N ARG A 259 -10.98 -12.19 3.85
CA ARG A 259 -11.66 -12.08 5.15
C ARG A 259 -13.15 -12.53 5.05
N GLU A 260 -13.81 -12.10 3.99
CA GLU A 260 -15.20 -12.40 3.75
C GLU A 260 -15.47 -13.80 3.18
N ARG A 261 -14.41 -14.56 2.92
CA ARG A 261 -14.57 -15.86 2.31
C ARG A 261 -14.11 -17.04 3.19
N THR A 262 -13.67 -16.76 4.42
CA THR A 262 -13.20 -17.80 5.38
C THR A 262 -13.44 -17.37 6.86
N GLU A 263 -13.45 -18.34 7.79
CA GLU A 263 -13.59 -18.05 9.23
C GLU A 263 -12.22 -18.26 9.89
N LEU A 264 -11.27 -18.71 9.06
CA LEU A 264 -9.91 -18.94 9.50
C LEU A 264 -9.16 -17.62 9.81
N PRO A 265 -8.14 -17.69 10.66
CA PRO A 265 -7.40 -16.47 10.96
C PRO A 265 -6.62 -16.14 9.70
N ILE A 266 -6.42 -14.86 9.43
CA ILE A 266 -5.68 -14.42 8.25
C ILE A 266 -4.44 -13.57 8.64
N GLY A 267 -3.25 -14.00 8.20
CA GLY A 267 -2.03 -13.25 8.46
C GLY A 267 -1.72 -12.37 7.23
N ALA A 268 -0.95 -11.30 7.43
CA ALA A 268 -0.55 -10.39 6.35
C ALA A 268 0.91 -10.00 6.61
N TYR A 269 1.71 -10.13 5.56
CA TYR A 269 3.12 -9.89 5.62
C TYR A 269 3.49 -8.55 5.06
N GLN A 270 3.94 -7.66 5.97
CA GLN A 270 4.39 -6.32 5.59
C GLN A 270 5.84 -6.60 5.15
N VAL A 271 6.04 -6.88 3.86
CA VAL A 271 7.33 -7.26 3.30
C VAL A 271 8.45 -6.19 3.30
N SER A 272 9.69 -6.70 3.19
CA SER A 272 10.91 -5.90 3.21
C SER A 272 10.90 -4.66 2.31
N GLY A 273 10.37 -4.80 1.11
CA GLY A 273 10.28 -3.65 0.20
C GLY A 273 9.42 -2.55 0.78
N GLU A 274 8.33 -2.92 1.48
CA GLU A 274 7.42 -1.95 2.10
C GLU A 274 8.20 -1.24 3.26
N TYR A 275 8.99 -2.01 4.01
CA TYR A 275 9.80 -1.50 5.13
C TYR A 275 10.84 -0.52 4.57
N ALA A 276 11.53 -0.92 3.49
CA ALA A 276 12.57 -0.07 2.84
C ALA A 276 11.97 1.21 2.39
N MET A 277 10.79 1.16 1.76
CA MET A 277 10.15 2.37 1.26
C MET A 277 9.76 3.40 2.34
N ILE A 278 9.36 2.90 3.50
CA ILE A 278 9.03 3.76 4.65
C ILE A 278 10.39 4.30 5.19
N LYS A 279 11.34 3.40 5.43
CA LYS A 279 12.63 3.81 5.95
C LYS A 279 13.36 4.82 5.08
N PHE A 280 13.44 4.60 3.78
CA PHE A 280 14.16 5.57 2.96
C PHE A 280 13.49 6.90 2.72
N ALA A 281 12.16 6.96 2.75
CA ALA A 281 11.50 8.26 2.58
C ALA A 281 11.62 9.02 3.92
N ALA A 282 11.62 8.30 5.03
CA ALA A 282 11.79 8.93 6.34
C ALA A 282 13.22 9.52 6.46
N LEU A 283 14.25 8.76 6.06
CA LEU A 283 15.63 9.25 6.09
C LEU A 283 15.85 10.45 5.13
N ALA A 284 15.06 10.54 4.05
CA ALA A 284 15.18 11.65 3.11
C ALA A 284 14.34 12.82 3.67
N GLY A 285 13.79 12.62 4.87
CA GLY A 285 12.94 13.60 5.51
C GLY A 285 11.59 13.86 4.85
N ALA A 286 11.15 13.01 3.88
CA ALA A 286 9.89 13.16 3.11
C ALA A 286 8.56 12.91 3.89
N ILE A 287 8.65 12.06 4.90
CA ILE A 287 7.52 11.62 5.68
C ILE A 287 7.93 11.45 7.15
N ASP A 288 6.95 11.27 8.05
CA ASP A 288 7.19 11.02 9.49
C ASP A 288 7.13 9.49 9.63
N GLU A 289 8.26 8.86 9.91
CA GLU A 289 8.32 7.42 9.97
C GLU A 289 7.26 6.79 10.85
N GLU A 290 7.18 7.25 12.09
CA GLU A 290 6.25 6.70 13.04
C GLU A 290 4.81 6.79 12.61
N LYS A 291 4.40 7.99 12.15
CA LYS A 291 3.01 8.20 11.70
C LYS A 291 2.65 7.30 10.52
N VAL A 292 3.56 7.23 9.54
CA VAL A 292 3.42 6.36 8.37
C VAL A 292 3.42 4.85 8.72
N VAL A 293 4.28 4.41 9.64
CA VAL A 293 4.30 3.00 10.06
C VAL A 293 2.95 2.62 10.72
N LEU A 294 2.55 3.42 11.70
CA LEU A 294 1.30 3.19 12.41
C LEU A 294 0.10 3.25 11.46
N GLU A 295 0.14 4.16 10.49
CA GLU A 295 -1.00 4.24 9.57
C GLU A 295 -1.05 2.99 8.69
N SER A 296 0.13 2.55 8.22
CA SER A 296 0.25 1.37 7.35
C SER A 296 -0.16 0.09 8.07
N LEU A 297 0.43 -0.15 9.24
CA LEU A 297 0.03 -1.34 10.00
C LEU A 297 -1.48 -1.26 10.34
N GLY A 298 -1.97 -0.06 10.70
CA GLY A 298 -3.39 0.11 10.98
C GLY A 298 -4.33 -0.20 9.78
N SER A 299 -3.82 0.09 8.58
CA SER A 299 -4.59 -0.20 7.39
C SER A 299 -4.68 -1.73 7.17
N ILE A 300 -3.56 -2.40 7.41
CA ILE A 300 -3.51 -3.84 7.26
C ILE A 300 -4.57 -4.49 8.19
N LYS A 301 -4.64 -4.00 9.45
CA LYS A 301 -5.63 -4.52 10.42
C LYS A 301 -7.07 -4.17 9.96
N ARG A 302 -7.25 -2.95 9.45
CA ARG A 302 -8.55 -2.45 9.00
C ARG A 302 -9.05 -3.33 7.87
N ALA A 303 -8.14 -3.77 6.98
CA ALA A 303 -8.47 -4.65 5.82
C ALA A 303 -8.93 -6.05 6.20
N GLY A 304 -8.68 -6.42 7.46
CA GLY A 304 -9.11 -7.70 7.95
C GLY A 304 -8.05 -8.62 8.48
N ALA A 305 -6.78 -8.19 8.53
CA ALA A 305 -5.70 -9.07 9.00
C ALA A 305 -5.74 -9.28 10.50
N ASP A 306 -5.59 -10.54 10.92
CA ASP A 306 -5.56 -10.87 12.35
C ASP A 306 -4.13 -10.74 12.93
N LEU A 307 -3.12 -11.04 12.11
CA LEU A 307 -1.69 -10.96 12.51
C LEU A 307 -0.93 -10.30 11.39
N ILE A 308 0.03 -9.48 11.76
CA ILE A 308 0.83 -8.79 10.78
C ILE A 308 2.32 -9.14 11.05
N PHE A 309 2.99 -9.61 10.00
CA PHE A 309 4.44 -9.88 10.05
C PHE A 309 5.10 -8.52 9.76
N SER A 310 5.83 -7.99 10.74
CA SER A 310 6.41 -6.67 10.56
C SER A 310 7.79 -6.48 11.13
N TYR A 311 8.72 -5.96 10.33
CA TYR A 311 10.11 -5.73 10.77
C TYR A 311 10.23 -4.52 11.75
N PHE A 312 9.19 -3.68 11.81
CA PHE A 312 9.19 -2.52 12.71
C PHE A 312 8.74 -2.92 14.11
N ALA A 313 8.32 -4.19 14.28
CA ALA A 313 7.78 -4.67 15.55
C ALA A 313 8.56 -4.44 16.85
N LEU A 314 9.86 -4.80 16.86
CA LEU A 314 10.64 -4.65 18.10
C LEU A 314 10.84 -3.18 18.49
N ASP A 315 11.07 -2.28 17.52
CA ASP A 315 11.19 -0.86 17.81
C ASP A 315 9.89 -0.35 18.39
N LEU A 316 8.78 -0.69 17.73
CA LEU A 316 7.48 -0.28 18.18
C LEU A 316 7.31 -0.73 19.62
N ALA A 317 7.74 -1.97 19.89
CA ALA A 317 7.68 -2.58 21.23
C ALA A 317 8.48 -1.83 22.31
N GLU A 318 9.79 -1.74 22.08
CA GLU A 318 10.71 -1.08 22.98
C GLU A 318 10.41 0.42 23.17
N LYS A 319 10.05 1.12 22.08
CA LYS A 319 9.74 2.55 22.20
C LYS A 319 8.35 2.79 22.77
N LYS A 320 7.74 1.73 23.29
CA LYS A 320 6.41 1.78 23.90
C LYS A 320 5.33 2.46 23.03
N ILE A 321 5.55 2.52 21.72
CA ILE A 321 4.58 3.10 20.77
C ILE A 321 3.34 2.18 20.70
N LEU A 322 3.57 0.86 20.78
CA LEU A 322 2.48 -0.12 20.79
C LEU A 322 2.68 -1.01 22.03
N ARG A 323 1.57 -1.38 22.67
CA ARG A 323 1.56 -2.26 23.86
C ARG A 323 0.54 -3.43 23.64
N THR B 1 2.93 -37.09 -5.92
CA THR B 1 1.76 -36.77 -5.02
C THR B 1 0.42 -36.75 -5.78
N ASP B 2 -0.66 -36.88 -5.01
CA ASP B 2 -2.03 -36.85 -5.55
C ASP B 2 -2.59 -35.44 -5.44
N LEU B 3 -2.82 -34.79 -6.57
CA LEU B 3 -3.34 -33.44 -6.61
C LEU B 3 -3.96 -33.29 -7.97
N ILE B 4 -5.27 -33.10 -8.05
CA ILE B 4 -5.84 -32.89 -9.39
C ILE B 4 -5.77 -31.38 -9.63
N GLN B 5 -5.93 -30.61 -8.54
CA GLN B 5 -5.82 -29.14 -8.60
C GLN B 5 -4.36 -28.66 -8.36
N ARG B 6 -3.77 -28.12 -9.44
CA ARG B 6 -2.42 -27.59 -9.47
C ARG B 6 -2.40 -26.17 -10.10
N PRO B 7 -2.57 -25.13 -9.26
CA PRO B 7 -2.56 -23.72 -9.69
C PRO B 7 -1.33 -23.34 -10.57
N ARG B 8 -0.20 -24.02 -10.34
CA ARG B 8 1.05 -23.76 -11.08
C ARG B 8 0.96 -24.11 -12.53
N ARG B 9 -0.04 -24.91 -12.92
CA ARG B 9 -0.21 -25.33 -14.31
C ARG B 9 -0.25 -24.11 -15.21
N LEU B 10 -1.00 -23.07 -14.84
CA LEU B 10 -1.08 -21.88 -15.70
C LEU B 10 0.03 -20.81 -15.47
N ARG B 11 1.06 -21.18 -14.71
CA ARG B 11 2.20 -20.30 -14.38
C ARG B 11 3.52 -20.75 -15.05
N LYS B 12 3.44 -21.87 -15.81
CA LYS B 12 4.62 -22.47 -16.46
C LYS B 12 5.43 -21.54 -17.37
N SER B 13 4.75 -20.64 -18.07
CA SER B 13 5.47 -19.77 -18.98
C SER B 13 4.95 -18.35 -19.05
N PRO B 14 5.76 -17.44 -19.63
CA PRO B 14 5.36 -16.03 -19.77
C PRO B 14 4.06 -15.95 -20.62
N ALA B 15 3.94 -16.78 -21.68
CA ALA B 15 2.73 -16.74 -22.52
C ALA B 15 1.48 -17.17 -21.72
N LEU B 16 1.60 -18.27 -20.97
CA LEU B 16 0.50 -18.76 -20.15
C LEU B 16 0.10 -17.76 -19.07
N ARG B 17 1.07 -17.08 -18.48
CA ARG B 17 0.78 -16.09 -17.42
C ARG B 17 0.06 -14.87 -17.95
N ALA B 18 0.40 -14.47 -19.18
CA ALA B 18 -0.21 -13.31 -19.85
C ALA B 18 -1.62 -13.66 -20.23
N MET B 19 -1.80 -14.88 -20.72
CA MET B 19 -3.13 -15.31 -21.13
C MET B 19 -4.09 -15.34 -19.97
N PHE B 20 -3.60 -15.66 -18.78
CA PHE B 20 -4.49 -15.75 -17.63
C PHE B 20 -4.43 -14.59 -16.66
N GLU B 21 -3.77 -13.50 -17.05
CA GLU B 21 -3.68 -12.32 -16.19
C GLU B 21 -5.07 -11.69 -16.08
N GLU B 22 -5.56 -11.55 -14.88
CA GLU B 22 -6.90 -10.99 -14.67
C GLU B 22 -7.08 -9.50 -14.80
N THR B 23 -6.06 -8.72 -14.47
CA THR B 23 -6.14 -7.27 -14.49
C THR B 23 -5.15 -6.68 -15.48
N THR B 24 -5.57 -5.57 -16.09
CA THR B 24 -4.78 -4.86 -17.09
C THR B 24 -4.60 -3.39 -16.67
N LEU B 25 -3.44 -2.79 -16.96
CA LEU B 25 -3.21 -1.37 -16.64
C LEU B 25 -2.83 -0.70 -17.98
N SER B 26 -3.43 0.45 -18.29
CA SER B 26 -3.09 1.14 -19.53
C SER B 26 -2.92 2.61 -19.22
N LEU B 27 -2.54 3.39 -20.22
CA LEU B 27 -2.31 4.80 -19.99
C LEU B 27 -3.61 5.57 -19.72
N ASN B 28 -4.73 5.12 -20.27
CA ASN B 28 -6.03 5.79 -20.07
C ASN B 28 -6.55 5.64 -18.68
N ASP B 29 -5.91 4.81 -17.86
CA ASP B 29 -6.31 4.64 -16.45
C ASP B 29 -5.74 5.76 -15.58
N LEU B 30 -4.76 6.49 -16.14
CA LEU B 30 -4.03 7.54 -15.44
C LEU B 30 -4.44 9.01 -15.64
N VAL B 31 -4.47 9.73 -14.53
CA VAL B 31 -4.75 11.14 -14.53
C VAL B 31 -3.49 11.75 -13.93
N LEU B 32 -2.94 12.77 -14.60
CA LEU B 32 -1.71 13.41 -14.13
C LEU B 32 -1.89 14.70 -13.32
N PRO B 33 -1.53 14.70 -12.01
CA PRO B 33 -1.64 15.90 -11.18
C PRO B 33 -0.48 16.87 -11.64
N ILE B 34 -0.75 18.16 -11.73
CA ILE B 34 0.30 19.14 -12.13
C ILE B 34 0.29 20.31 -11.13
N PHE B 35 1.46 20.83 -10.77
CA PHE B 35 1.53 21.98 -9.86
C PHE B 35 1.96 23.18 -10.72
N VAL B 36 1.13 24.22 -10.71
CA VAL B 36 1.39 25.46 -11.46
C VAL B 36 1.56 26.64 -10.49
N GLU B 37 2.71 27.30 -10.55
CA GLU B 37 2.92 28.45 -9.66
C GLU B 37 2.87 29.73 -10.47
N GLU B 38 2.00 30.63 -10.02
CA GLU B 38 1.81 31.93 -10.66
C GLU B 38 2.94 32.89 -10.37
N GLU B 39 2.78 34.06 -10.97
CA GLU B 39 3.72 35.15 -10.82
C GLU B 39 5.22 34.59 -10.53
N ILE B 40 5.72 33.58 -11.30
CA ILE B 40 7.13 33.05 -11.18
C ILE B 40 7.78 32.72 -12.55
N ASP B 41 9.13 32.59 -12.60
CA ASP B 41 9.81 32.35 -13.88
C ASP B 41 10.50 31.02 -14.16
N ASP B 42 11.05 30.39 -13.14
CA ASP B 42 11.65 29.09 -13.41
C ASP B 42 10.90 27.94 -12.75
N TYR B 43 11.09 26.75 -13.32
CA TYR B 43 10.49 25.57 -12.77
C TYR B 43 11.14 25.36 -11.39
N LYS B 44 10.36 25.03 -10.36
CA LYS B 44 10.92 24.75 -9.01
C LYS B 44 10.86 23.25 -8.75
N ALA B 45 11.95 22.66 -8.25
CA ALA B 45 12.00 21.23 -7.96
C ALA B 45 11.30 20.95 -6.66
N VAL B 46 10.55 19.85 -6.56
CA VAL B 46 9.94 19.53 -5.26
C VAL B 46 10.89 18.51 -4.61
N GLU B 47 11.50 18.95 -3.51
CA GLU B 47 12.48 18.17 -2.77
C GLU B 47 12.00 16.84 -2.32
N ALA B 48 10.84 16.86 -1.66
CA ALA B 48 10.26 15.67 -1.12
C ALA B 48 9.65 14.73 -2.19
N MET B 49 9.51 15.21 -3.43
CA MET B 49 8.96 14.43 -4.56
C MET B 49 9.94 14.52 -5.74
N PRO B 50 11.05 13.77 -5.68
CA PRO B 50 12.07 13.77 -6.74
C PRO B 50 11.45 13.62 -8.14
N GLY B 51 11.79 14.51 -9.07
CA GLY B 51 11.23 14.39 -10.41
C GLY B 51 10.04 15.28 -10.68
N VAL B 52 9.46 15.81 -9.61
CA VAL B 52 8.28 16.70 -9.67
C VAL B 52 8.71 18.17 -9.54
N MET B 53 8.17 19.02 -10.38
CA MET B 53 8.51 20.44 -10.33
C MET B 53 7.29 21.32 -10.50
N ARG B 54 7.32 22.49 -9.85
CA ARG B 54 6.26 23.48 -9.98
C ARG B 54 6.48 23.99 -11.41
N ILE B 55 5.40 24.07 -12.17
CA ILE B 55 5.45 24.56 -13.55
C ILE B 55 5.11 26.08 -13.50
N PRO B 56 5.97 26.96 -14.08
CA PRO B 56 5.63 28.38 -14.01
C PRO B 56 4.42 28.63 -14.89
N GLU B 57 3.46 29.40 -14.40
CA GLU B 57 2.25 29.68 -15.17
C GLU B 57 2.53 30.00 -16.63
N LYS B 58 3.58 30.81 -16.85
CA LYS B 58 3.99 31.25 -18.18
C LYS B 58 4.35 30.05 -19.06
N HIS B 59 4.79 28.97 -18.44
CA HIS B 59 5.15 27.76 -19.19
C HIS B 59 4.10 26.65 -19.21
N LEU B 60 2.91 26.92 -18.68
CA LEU B 60 1.88 25.92 -18.66
C LEU B 60 1.42 25.55 -20.08
N ALA B 61 1.22 26.56 -20.94
CA ALA B 61 0.77 26.24 -22.30
C ALA B 61 1.69 25.21 -22.91
N ARG B 62 2.97 25.37 -22.60
CA ARG B 62 4.04 24.52 -23.13
C ARG B 62 3.98 23.11 -22.58
N GLU B 63 3.85 23.03 -21.26
CA GLU B 63 3.76 21.77 -20.52
C GLU B 63 2.48 20.96 -20.80
N ILE B 64 1.31 21.61 -20.81
CA ILE B 64 0.07 20.87 -21.08
C ILE B 64 0.11 20.29 -22.50
N GLU B 65 0.94 20.88 -23.35
CA GLU B 65 1.11 20.45 -24.74
C GLU B 65 2.01 19.24 -24.73
N ARG B 66 3.01 19.31 -23.88
CA ARG B 66 3.96 18.22 -23.76
C ARG B 66 3.26 16.97 -23.21
N ILE B 67 2.52 17.18 -22.12
CA ILE B 67 1.73 16.19 -21.39
C ILE B 67 0.79 15.51 -22.40
N ALA B 68 0.01 16.32 -23.12
CA ALA B 68 -0.94 15.87 -24.13
C ALA B 68 -0.21 15.14 -25.25
N ASN B 69 0.99 15.59 -25.60
CA ASN B 69 1.73 14.93 -26.68
C ASN B 69 2.10 13.52 -26.25
N ALA B 70 2.49 13.38 -24.97
CA ALA B 70 2.86 12.08 -24.36
C ALA B 70 1.73 11.01 -24.34
N GLY B 71 0.47 11.44 -24.52
CA GLY B 71 -0.64 10.50 -24.51
C GLY B 71 -1.54 10.61 -23.28
N ILE B 72 -1.16 11.48 -22.33
CA ILE B 72 -1.93 11.73 -21.10
C ILE B 72 -3.29 12.27 -21.57
N ARG B 73 -4.36 11.69 -21.04
CA ARG B 73 -5.70 12.07 -21.44
C ARG B 73 -6.33 13.10 -20.51
N SER B 74 -5.69 13.29 -19.35
CA SER B 74 -6.25 14.14 -18.32
C SER B 74 -5.27 14.63 -17.25
N VAL B 75 -5.59 15.78 -16.65
CA VAL B 75 -4.77 16.35 -15.56
C VAL B 75 -5.68 16.89 -14.46
N MET B 76 -5.08 17.06 -13.28
CA MET B 76 -5.71 17.60 -12.07
C MET B 76 -4.80 18.80 -11.69
N THR B 77 -5.40 19.97 -11.67
CA THR B 77 -4.65 21.18 -11.40
C THR B 77 -4.61 21.58 -9.92
N PHE B 78 -3.43 21.99 -9.50
CA PHE B 78 -3.14 22.48 -8.16
C PHE B 78 -2.32 23.76 -8.38
N GLY B 79 -2.80 24.90 -7.90
CA GLY B 79 -2.01 26.09 -8.09
C GLY B 79 -1.26 26.50 -6.84
N ILE B 80 -0.07 27.11 -6.99
CA ILE B 80 0.69 27.60 -5.84
C ILE B 80 0.46 29.12 -5.88
N SER B 81 -0.36 29.62 -4.94
CA SER B 81 -0.81 31.02 -4.81
C SER B 81 0.19 32.07 -4.21
N HIS B 82 0.15 33.29 -4.78
CA HIS B 82 0.94 34.45 -4.33
C HIS B 82 -0.06 35.54 -3.93
N HIS B 83 -1.30 35.09 -3.74
CA HIS B 83 -2.42 35.94 -3.34
C HIS B 83 -3.29 35.30 -2.25
N THR B 84 -2.65 34.69 -1.26
CA THR B 84 -3.40 34.05 -0.17
C THR B 84 -3.99 35.09 0.77
N ASP B 85 -5.08 34.73 1.44
CA ASP B 85 -5.77 35.62 2.37
C ASP B 85 -6.56 34.84 3.41
N GLU B 86 -7.49 35.47 4.11
CA GLU B 86 -8.22 34.76 5.16
C GLU B 86 -9.18 33.64 4.74
N THR B 87 -9.88 33.89 3.63
CA THR B 87 -10.89 33.00 3.07
C THR B 87 -10.47 32.28 1.76
N GLY B 88 -9.28 32.59 1.24
CA GLY B 88 -8.84 31.93 0.01
C GLY B 88 -9.63 32.40 -1.21
N SER B 89 -10.05 33.67 -1.19
CA SER B 89 -10.86 34.27 -2.26
C SER B 89 -10.26 34.34 -3.69
N ASP B 90 -8.94 34.16 -3.83
CA ASP B 90 -8.30 34.16 -5.16
C ASP B 90 -8.90 32.99 -5.93
N ALA B 91 -9.21 31.89 -5.23
CA ALA B 91 -9.79 30.71 -5.90
C ALA B 91 -11.13 31.00 -6.62
N TRP B 92 -11.97 31.93 -6.14
CA TRP B 92 -13.24 32.25 -6.82
C TRP B 92 -13.28 33.58 -7.61
N ARG B 93 -12.08 34.16 -7.77
CA ARG B 93 -11.90 35.38 -8.56
C ARG B 93 -11.97 34.85 -10.04
N GLU B 94 -12.88 35.42 -10.84
CA GLU B 94 -13.06 35.00 -12.25
C GLU B 94 -11.79 34.76 -13.01
N ASP B 95 -10.73 35.46 -12.60
CA ASP B 95 -9.46 35.32 -13.26
C ASP B 95 -8.37 35.00 -12.25
N GLY B 96 -8.76 34.39 -11.14
CA GLY B 96 -7.78 33.99 -10.15
C GLY B 96 -6.98 32.79 -10.68
N LEU B 97 -5.96 32.36 -9.95
CA LEU B 97 -5.12 31.24 -10.41
C LEU B 97 -5.91 29.98 -10.79
N VAL B 98 -6.94 29.67 -10.00
CA VAL B 98 -7.78 28.49 -10.23
C VAL B 98 -8.39 28.56 -11.64
N ALA B 99 -9.02 29.69 -11.97
CA ALA B 99 -9.64 29.86 -13.29
C ALA B 99 -8.66 29.91 -14.44
N ARG B 100 -7.49 30.47 -14.20
CA ARG B 100 -6.51 30.57 -15.28
C ARG B 100 -5.79 29.25 -15.59
N MET B 101 -5.58 28.40 -14.57
CA MET B 101 -4.91 27.12 -14.85
C MET B 101 -5.78 26.32 -15.81
N SER B 102 -7.09 26.34 -15.58
CA SER B 102 -8.05 25.65 -16.44
C SER B 102 -8.07 26.28 -17.82
N ARG B 103 -8.30 27.59 -17.87
CA ARG B 103 -8.36 28.34 -19.12
C ARG B 103 -7.14 28.01 -20.04
N ILE B 104 -5.91 28.14 -19.52
CA ILE B 104 -4.72 27.85 -20.31
C ILE B 104 -4.64 26.39 -20.78
N CYS B 105 -5.15 25.44 -19.99
CA CYS B 105 -5.12 24.03 -20.41
C CYS B 105 -6.13 23.74 -21.51
N LYS B 106 -7.39 24.15 -21.31
CA LYS B 106 -8.42 23.91 -22.31
C LYS B 106 -8.17 24.65 -23.61
N GLN B 107 -7.70 25.90 -23.53
CA GLN B 107 -7.42 26.66 -24.72
C GLN B 107 -6.22 26.11 -25.47
N THR B 108 -5.13 25.71 -24.78
CA THR B 108 -3.95 25.13 -25.44
C THR B 108 -4.25 23.75 -26.03
N VAL B 109 -4.89 22.88 -25.24
CA VAL B 109 -5.24 21.51 -25.66
C VAL B 109 -6.77 21.32 -25.43
N PRO B 110 -7.60 21.71 -26.42
CA PRO B 110 -9.05 21.58 -26.28
C PRO B 110 -9.59 20.20 -25.88
N GLU B 111 -8.86 19.15 -26.28
CA GLU B 111 -9.20 17.73 -26.01
C GLU B 111 -8.81 17.26 -24.62
N MET B 112 -7.87 17.95 -23.99
CA MET B 112 -7.41 17.62 -22.65
C MET B 112 -8.55 17.65 -21.61
N ILE B 113 -8.74 16.58 -20.87
CA ILE B 113 -9.77 16.65 -19.88
C ILE B 113 -9.09 17.28 -18.64
N VAL B 114 -9.65 18.42 -18.23
CA VAL B 114 -9.12 19.15 -17.09
C VAL B 114 -10.02 19.04 -15.87
N MET B 115 -9.43 18.48 -14.83
CA MET B 115 -10.10 18.31 -13.58
C MET B 115 -9.46 19.41 -12.77
N SER B 116 -10.26 20.24 -12.10
CA SER B 116 -9.71 21.34 -11.34
C SER B 116 -9.80 21.09 -9.87
N ASP B 117 -8.66 20.98 -9.17
CA ASP B 117 -8.78 20.73 -7.72
C ASP B 117 -9.60 21.89 -7.14
N THR B 118 -10.56 21.55 -6.27
CA THR B 118 -11.46 22.55 -5.73
C THR B 118 -11.44 22.67 -4.21
N CYS B 119 -10.57 23.55 -3.72
CA CYS B 119 -10.38 23.75 -2.28
C CYS B 119 -9.83 25.17 -1.94
N PHE B 120 -9.35 25.36 -0.70
CA PHE B 120 -8.78 26.65 -0.25
C PHE B 120 -7.48 26.54 0.53
N CYS B 121 -6.99 25.34 0.77
CA CYS B 121 -5.76 25.19 1.55
C CYS B 121 -4.53 25.79 0.84
N GLU B 122 -4.57 25.88 -0.49
CA GLU B 122 -3.47 26.48 -1.23
C GLU B 122 -3.63 28.01 -1.39
N TYR B 123 -4.78 28.57 -0.95
CA TYR B 123 -5.11 30.01 -1.08
C TYR B 123 -5.40 30.75 0.22
N THR B 124 -5.46 30.02 1.33
CA THR B 124 -5.70 30.64 2.65
C THR B 124 -4.36 30.87 3.39
N SER B 125 -4.30 32.00 4.09
CA SER B 125 -3.11 32.32 4.84
C SER B 125 -2.84 31.28 5.95
N HIS B 126 -3.91 30.77 6.60
CA HIS B 126 -3.81 29.76 7.67
C HIS B 126 -3.57 28.30 7.19
N GLY B 127 -3.73 28.06 5.87
CA GLY B 127 -3.45 26.76 5.26
C GLY B 127 -4.55 25.73 5.33
N HIS B 128 -5.64 26.06 6.01
CA HIS B 128 -6.76 25.17 6.17
C HIS B 128 -7.67 25.21 4.93
N CYS B 129 -8.39 24.09 4.70
CA CYS B 129 -9.33 23.87 3.57
C CYS B 129 -10.63 24.66 3.58
N GLY B 130 -10.60 25.88 4.12
CA GLY B 130 -11.79 26.70 4.14
C GLY B 130 -11.79 27.88 5.08
N VAL B 131 -13.00 28.40 5.32
CA VAL B 131 -13.24 29.55 6.19
C VAL B 131 -13.06 29.11 7.65
N LEU B 132 -12.25 29.85 8.41
CA LEU B 132 -12.05 29.58 9.83
C LEU B 132 -13.08 30.38 10.62
N CYS B 133 -13.45 29.85 11.77
CA CYS B 133 -14.39 30.48 12.70
C CYS B 133 -13.82 30.07 14.07
N GLU B 134 -14.39 30.56 15.18
CA GLU B 134 -13.84 30.19 16.49
C GLU B 134 -13.89 28.67 16.52
N HIS B 135 -14.90 28.16 15.80
CA HIS B 135 -15.21 26.75 15.63
C HIS B 135 -14.08 25.83 15.12
N GLY B 136 -13.48 26.23 14.00
CA GLY B 136 -12.44 25.45 13.35
C GLY B 136 -12.86 25.70 11.91
N VAL B 137 -12.58 24.84 10.94
CA VAL B 137 -13.02 25.18 9.57
C VAL B 137 -14.57 25.13 9.48
N ASP B 138 -15.21 26.29 9.23
CA ASP B 138 -16.67 26.37 9.17
C ASP B 138 -17.26 25.69 7.94
N ASN B 139 -17.98 24.59 8.15
CA ASN B 139 -18.53 23.82 7.03
C ASN B 139 -19.36 24.59 6.02
N ASP B 140 -20.48 25.16 6.46
CA ASP B 140 -21.38 25.86 5.55
C ASP B 140 -20.86 27.20 4.91
N ALA B 141 -19.94 27.92 5.59
CA ALA B 141 -19.30 29.17 5.04
C ALA B 141 -18.45 28.69 3.87
N THR B 142 -17.77 27.56 4.10
CA THR B 142 -16.92 26.98 3.08
C THR B 142 -17.71 26.45 1.88
N LEU B 143 -18.88 25.87 2.14
CA LEU B 143 -19.67 25.36 1.03
C LEU B 143 -20.05 26.48 0.05
N GLU B 144 -20.39 27.64 0.57
CA GLU B 144 -20.75 28.71 -0.33
C GLU B 144 -19.59 29.08 -1.27
N ASN B 145 -18.39 29.15 -0.69
CA ASN B 145 -17.18 29.51 -1.41
C ASN B 145 -16.77 28.44 -2.41
N LEU B 146 -17.06 27.16 -2.09
CA LEU B 146 -16.72 26.03 -2.98
C LEU B 146 -17.61 26.20 -4.17
N GLY B 147 -18.86 26.61 -3.91
CA GLY B 147 -19.82 26.83 -4.98
C GLY B 147 -19.35 27.93 -5.94
N LYS B 148 -18.92 29.05 -5.36
CA LYS B 148 -18.41 30.18 -6.13
C LYS B 148 -17.19 29.78 -6.91
N GLN B 149 -16.26 29.08 -6.27
CA GLN B 149 -15.10 28.64 -7.01
C GLN B 149 -15.50 27.69 -8.19
N ALA B 150 -16.48 26.79 -7.95
CA ALA B 150 -16.94 25.82 -8.94
C ALA B 150 -17.36 26.48 -10.25
N VAL B 151 -18.15 27.55 -10.14
CA VAL B 151 -18.63 28.28 -11.31
C VAL B 151 -17.53 29.03 -12.07
N VAL B 152 -16.58 29.65 -11.38
CA VAL B 152 -15.53 30.34 -12.14
C VAL B 152 -14.63 29.34 -12.87
N ALA B 153 -14.29 28.22 -12.21
CA ALA B 153 -13.46 27.16 -12.79
C ALA B 153 -14.18 26.50 -13.98
N ALA B 154 -15.50 26.28 -13.82
CA ALA B 154 -16.38 25.71 -14.85
C ALA B 154 -16.40 26.70 -16.02
N ALA B 155 -16.59 27.96 -15.69
CA ALA B 155 -16.63 29.00 -16.70
C ALA B 155 -15.31 29.04 -17.44
N ALA B 156 -14.20 28.81 -16.71
CA ALA B 156 -12.83 28.81 -17.27
C ALA B 156 -12.52 27.59 -18.16
N GLY B 157 -13.45 26.65 -18.20
CA GLY B 157 -13.24 25.47 -19.02
C GLY B 157 -13.02 24.11 -18.34
N ALA B 158 -12.92 24.06 -17.01
CA ALA B 158 -12.69 22.81 -16.31
C ALA B 158 -13.78 21.81 -16.67
N ASP B 159 -13.36 20.57 -16.93
CA ASP B 159 -14.29 19.49 -17.28
C ASP B 159 -14.87 18.86 -16.02
N PHE B 160 -14.04 18.78 -14.96
CA PHE B 160 -14.48 18.24 -13.66
C PHE B 160 -14.13 19.25 -12.60
N ILE B 161 -15.05 19.40 -11.63
CA ILE B 161 -14.86 20.22 -10.45
C ILE B 161 -14.62 19.12 -9.38
N ALA B 162 -13.43 19.07 -8.81
CA ALA B 162 -13.07 18.05 -7.83
C ALA B 162 -12.92 18.60 -6.44
N PRO B 163 -14.02 18.66 -5.65
CA PRO B 163 -13.90 19.18 -4.28
C PRO B 163 -13.07 18.31 -3.33
N SER B 164 -11.94 18.84 -2.90
CA SER B 164 -11.10 18.11 -1.96
C SER B 164 -11.08 18.77 -0.55
N ALA B 165 -12.09 19.60 -0.25
CA ALA B 165 -12.19 20.27 1.06
C ALA B 165 -12.64 19.36 2.24
N ALA B 166 -13.25 18.22 1.90
CA ALA B 166 -13.78 17.29 2.91
C ALA B 166 -14.84 18.00 3.74
N MET B 167 -15.70 18.76 3.05
CA MET B 167 -16.84 19.44 3.68
C MET B 167 -18.12 18.59 3.45
N ASP B 168 -18.95 18.50 4.47
CA ASP B 168 -20.20 17.79 4.38
C ASP B 168 -21.10 18.56 3.42
N GLY B 169 -21.66 17.84 2.45
CA GLY B 169 -22.56 18.48 1.51
C GLY B 169 -21.89 19.25 0.41
N GLN B 170 -20.60 19.06 0.24
CA GLN B 170 -19.86 19.79 -0.77
C GLN B 170 -20.34 19.48 -2.18
N VAL B 171 -20.58 18.20 -2.48
CA VAL B 171 -21.08 17.81 -3.82
C VAL B 171 -22.44 18.49 -4.09
N GLN B 172 -23.38 18.44 -3.15
CA GLN B 172 -24.67 19.06 -3.40
C GLN B 172 -24.51 20.55 -3.64
N ALA B 173 -23.68 21.18 -2.82
CA ALA B 173 -23.43 22.61 -2.94
C ALA B 173 -22.87 22.94 -4.29
N ILE B 174 -21.87 22.19 -4.73
CA ILE B 174 -21.27 22.45 -6.02
C ILE B 174 -22.22 22.08 -7.17
N ARG B 175 -23.00 21.02 -7.00
CA ARG B 175 -23.95 20.66 -8.04
C ARG B 175 -24.99 21.82 -8.19
N GLN B 176 -25.58 22.24 -7.07
CA GLN B 176 -26.58 23.32 -7.12
C GLN B 176 -26.01 24.54 -7.80
N ALA B 177 -24.83 24.98 -7.34
CA ALA B 177 -24.10 26.16 -7.89
C ALA B 177 -23.85 26.11 -9.41
N LEU B 178 -23.21 25.05 -9.91
CA LEU B 178 -22.96 24.91 -11.36
C LEU B 178 -24.26 24.94 -12.15
N ASP B 179 -25.27 24.25 -11.64
CA ASP B 179 -26.55 24.18 -12.31
C ASP B 179 -27.21 25.52 -12.50
N ALA B 180 -27.30 26.29 -11.42
CA ALA B 180 -27.91 27.61 -11.45
C ALA B 180 -27.21 28.58 -12.45
N ALA B 181 -25.89 28.49 -12.53
CA ALA B 181 -25.10 29.33 -13.42
C ALA B 181 -25.04 28.74 -14.84
N GLY B 182 -25.89 27.77 -15.14
CA GLY B 182 -25.85 27.16 -16.46
C GLY B 182 -24.73 26.18 -16.80
N PHE B 183 -24.11 25.56 -15.81
CA PHE B 183 -23.06 24.56 -16.10
C PHE B 183 -23.62 23.19 -15.66
N LYS B 184 -24.83 22.90 -16.14
CA LYS B 184 -25.46 21.69 -15.75
C LYS B 184 -24.70 20.45 -16.28
N ASP B 185 -23.90 20.67 -17.32
CA ASP B 185 -23.09 19.63 -17.98
C ASP B 185 -21.68 19.44 -17.38
N THR B 186 -21.22 20.38 -16.55
CA THR B 186 -19.90 20.26 -15.93
C THR B 186 -20.00 19.13 -14.89
N ALA B 187 -18.99 18.27 -14.83
CA ALA B 187 -19.02 17.12 -13.91
C ALA B 187 -18.33 17.36 -12.59
N ILE B 188 -18.61 16.51 -11.61
CA ILE B 188 -18.00 16.59 -10.31
C ILE B 188 -17.25 15.29 -10.09
N MET B 189 -15.99 15.43 -9.73
CA MET B 189 -15.13 14.29 -9.42
C MET B 189 -14.94 14.53 -7.95
N SER B 190 -15.68 13.82 -7.11
CA SER B 190 -15.57 14.07 -5.68
C SER B 190 -14.49 13.26 -4.98
N TYR B 191 -13.69 13.91 -4.13
CA TYR B 191 -12.65 13.21 -3.32
C TYR B 191 -13.61 12.77 -2.21
N SER B 192 -14.48 11.81 -2.54
CA SER B 192 -15.52 11.40 -1.62
C SER B 192 -15.06 10.78 -0.32
N THR B 193 -14.06 9.90 -0.39
CA THR B 193 -13.49 9.27 0.79
C THR B 193 -12.06 9.83 0.84
N LYS B 194 -11.85 10.86 1.67
CA LYS B 194 -10.57 11.55 1.81
C LYS B 194 -10.15 11.42 3.25
N PHE B 195 -9.16 10.54 3.51
CA PHE B 195 -8.68 10.31 4.88
C PHE B 195 -7.71 11.36 5.40
N ALA B 196 -7.73 11.55 6.73
CA ALA B 196 -6.84 12.49 7.40
C ALA B 196 -5.52 11.74 7.53
N SER B 197 -4.87 11.55 6.39
CA SER B 197 -3.61 10.79 6.27
C SER B 197 -2.31 11.54 6.58
N SER B 198 -1.27 10.78 6.88
CA SER B 198 0.03 11.33 7.15
C SER B 198 0.93 11.21 5.90
N PHE B 199 0.35 10.82 4.77
CA PHE B 199 1.09 10.62 3.50
C PHE B 199 1.03 11.84 2.56
N TYR B 200 0.53 12.97 3.05
CA TYR B 200 0.41 14.17 2.21
C TYR B 200 1.55 15.22 2.39
N GLY B 201 2.51 14.94 3.26
CA GLY B 201 3.62 15.87 3.48
C GLY B 201 4.22 16.34 2.16
N PRO B 202 4.81 15.44 1.34
CA PRO B 202 5.40 15.88 0.07
C PRO B 202 4.48 16.84 -0.75
N PHE B 203 3.18 16.50 -0.88
CA PHE B 203 2.20 17.32 -1.61
C PHE B 203 2.09 18.73 -1.05
N ARG B 204 1.96 18.84 0.28
CA ARG B 204 1.86 20.17 0.89
C ARG B 204 3.09 21.04 0.55
N GLU B 205 4.25 20.39 0.47
CA GLU B 205 5.50 21.04 0.10
C GLU B 205 5.34 21.52 -1.34
N ALA B 206 5.00 20.60 -2.24
CA ALA B 206 4.82 20.93 -3.64
C ALA B 206 3.75 22.01 -3.92
N ALA B 207 2.67 22.03 -3.13
CA ALA B 207 1.56 22.97 -3.38
C ALA B 207 1.51 24.20 -2.53
N GLY B 208 2.50 24.34 -1.64
CA GLY B 208 2.61 25.50 -0.76
C GLY B 208 1.51 25.70 0.27
N SER B 209 0.99 24.59 0.80
CA SER B 209 -0.08 24.67 1.77
C SER B 209 0.43 25.05 3.16
N ALA B 210 0.14 26.32 3.49
CA ALA B 210 0.54 26.96 4.73
C ALA B 210 -0.10 26.44 6.03
N LEU B 211 -0.36 25.14 6.16
CA LEU B 211 -0.99 24.58 7.39
C LEU B 211 -0.04 24.17 8.53
N LYS B 212 -0.31 24.71 9.71
CA LYS B 212 0.48 24.43 10.91
C LYS B 212 -0.09 23.26 11.69
N GLY B 213 -1.42 23.14 11.79
CA GLY B 213 -2.06 22.04 12.51
C GLY B 213 -2.41 20.77 11.69
N ASP B 214 -3.62 20.24 11.86
CA ASP B 214 -4.02 19.05 11.10
C ASP B 214 -5.41 19.20 10.49
N ARG B 215 -5.80 18.20 9.70
CA ARG B 215 -7.09 18.27 9.04
C ARG B 215 -8.05 17.26 9.58
N LYS B 216 -7.77 16.75 10.77
CA LYS B 216 -8.60 15.73 11.35
C LYS B 216 -10.07 16.08 11.70
N SER B 217 -10.44 17.36 11.67
CA SER B 217 -11.79 17.73 11.99
C SER B 217 -12.66 17.66 10.73
N TYR B 218 -12.04 17.38 9.59
CA TYR B 218 -12.80 17.27 8.36
C TYR B 218 -12.38 16.11 7.46
N GLN B 219 -11.09 15.86 7.28
CA GLN B 219 -10.69 14.68 6.50
C GLN B 219 -10.99 13.53 7.51
N MET B 220 -11.42 12.37 7.00
CA MET B 220 -11.86 11.31 7.93
C MET B 220 -10.81 10.40 8.51
N ASN B 221 -11.20 9.68 9.54
CA ASN B 221 -10.25 8.81 10.21
C ASN B 221 -9.80 7.61 9.37
N PRO B 222 -8.47 7.39 9.20
CA PRO B 222 -7.88 6.26 8.41
C PRO B 222 -8.39 4.86 8.83
N MET B 223 -8.72 4.73 10.11
CA MET B 223 -9.17 3.46 10.65
C MET B 223 -10.62 3.10 10.39
N ASN B 224 -11.43 4.04 9.90
CA ASN B 224 -12.88 3.82 9.74
C ASN B 224 -13.42 3.36 8.41
N ARG B 225 -13.36 2.03 8.18
CA ARG B 225 -13.81 1.45 6.91
C ARG B 225 -15.31 1.60 6.60
N ARG B 226 -16.16 1.49 7.62
CA ARG B 226 -17.61 1.62 7.41
C ARG B 226 -17.92 3.08 7.08
N GLU B 227 -17.28 4.00 7.82
CA GLU B 227 -17.46 5.45 7.57
C GLU B 227 -16.99 5.85 6.17
N ALA B 228 -15.91 5.24 5.72
CA ALA B 228 -15.37 5.50 4.38
C ALA B 228 -16.42 5.23 3.28
N ILE B 229 -17.13 4.12 3.36
CA ILE B 229 -18.15 3.76 2.38
C ILE B 229 -19.32 4.76 2.48
N ARG B 230 -19.72 5.06 3.71
CA ARG B 230 -20.84 5.98 3.93
C ARG B 230 -20.47 7.33 3.30
N GLU B 231 -19.20 7.75 3.43
CA GLU B 231 -18.75 9.02 2.89
C GLU B 231 -18.99 9.14 1.39
N SER B 232 -18.64 8.08 0.66
CA SER B 232 -18.81 8.05 -0.78
C SER B 232 -20.24 7.85 -1.23
N LEU B 233 -21.00 7.02 -0.52
CA LEU B 233 -22.39 6.81 -0.91
C LEU B 233 -23.21 8.10 -0.68
N LEU B 234 -22.84 8.92 0.31
CA LEU B 234 -23.54 10.20 0.49
C LEU B 234 -23.22 11.10 -0.72
N ASP B 235 -22.05 10.98 -1.33
CA ASP B 235 -21.73 11.81 -2.50
C ASP B 235 -22.39 11.27 -3.77
N GLU B 236 -22.56 9.98 -3.85
CA GLU B 236 -23.25 9.44 -5.01
C GLU B 236 -24.68 9.99 -4.91
N ALA B 237 -25.21 9.97 -3.69
CA ALA B 237 -26.57 10.48 -3.47
C ALA B 237 -26.71 11.96 -3.82
N GLN B 238 -25.61 12.71 -3.68
CA GLN B 238 -25.57 14.12 -3.99
C GLN B 238 -25.33 14.45 -5.45
N GLY B 239 -25.14 13.42 -6.29
CA GLY B 239 -25.00 13.66 -7.71
C GLY B 239 -23.65 13.55 -8.34
N ALA B 240 -22.66 13.23 -7.53
CA ALA B 240 -21.29 13.09 -8.03
C ALA B 240 -21.19 12.12 -9.24
N ASP B 241 -20.43 12.54 -10.23
CA ASP B 241 -20.26 11.80 -11.46
C ASP B 241 -19.23 10.72 -11.26
N CYS B 242 -18.26 11.00 -10.41
CA CYS B 242 -17.24 10.04 -10.11
C CYS B 242 -16.92 10.17 -8.63
N LEU B 243 -16.62 9.03 -7.98
CA LEU B 243 -16.26 8.95 -6.55
C LEU B 243 -14.75 8.73 -6.44
N MET B 244 -14.17 8.77 -5.25
CA MET B 244 -12.72 8.59 -5.12
C MET B 244 -12.23 8.21 -3.72
N VAL B 245 -11.18 7.39 -3.68
CA VAL B 245 -10.58 7.01 -2.41
C VAL B 245 -9.16 7.63 -2.37
N LYS B 246 -8.85 8.36 -1.30
CA LYS B 246 -7.53 8.97 -1.12
C LYS B 246 -7.11 8.96 0.35
N PRO B 247 -5.92 8.38 0.65
CA PRO B 247 -4.99 7.73 -0.30
C PRO B 247 -5.53 6.38 -0.90
N ALA B 248 -4.84 5.86 -1.92
CA ALA B 248 -5.25 4.62 -2.55
C ALA B 248 -4.34 3.45 -2.18
N GLY B 249 -3.02 3.65 -2.20
CA GLY B 249 -2.09 2.57 -1.91
C GLY B 249 -2.31 1.71 -0.68
N ALA B 250 -2.66 2.35 0.42
CA ALA B 250 -2.89 1.67 1.71
C ALA B 250 -4.36 1.57 2.04
N TYR B 251 -5.21 1.76 1.04
CA TYR B 251 -6.64 1.71 1.25
C TYR B 251 -7.31 0.87 0.17
N LEU B 252 -6.61 -0.16 -0.32
CA LEU B 252 -7.18 -0.98 -1.39
C LEU B 252 -8.40 -1.78 -0.95
N ASP B 253 -8.48 -2.04 0.36
CA ASP B 253 -9.64 -2.72 0.93
C ASP B 253 -10.88 -1.79 0.78
N ILE B 254 -10.65 -0.48 0.87
CA ILE B 254 -11.72 0.50 0.80
C ILE B 254 -12.26 0.62 -0.61
N VAL B 255 -11.31 0.70 -1.54
CA VAL B 255 -11.59 0.78 -2.96
C VAL B 255 -12.47 -0.42 -3.41
N ARG B 256 -12.08 -1.63 -2.97
CA ARG B 256 -12.76 -2.90 -3.26
C ARG B 256 -14.13 -2.92 -2.57
N GLU B 257 -14.22 -2.53 -1.30
CA GLU B 257 -15.53 -2.50 -0.66
C GLU B 257 -16.46 -1.51 -1.39
N LEU B 258 -15.92 -0.34 -1.70
CA LEU B 258 -16.69 0.62 -2.42
C LEU B 258 -17.09 0.10 -3.81
N ARG B 259 -16.17 -0.60 -4.51
CA ARG B 259 -16.53 -1.08 -5.84
C ARG B 259 -17.79 -1.96 -5.80
N GLU B 260 -17.96 -2.70 -4.72
CA GLU B 260 -19.09 -3.60 -4.54
C GLU B 260 -20.37 -2.91 -4.05
N ARG B 261 -20.26 -1.62 -3.67
CA ARG B 261 -21.38 -0.81 -3.15
C ARG B 261 -21.99 0.29 -4.08
N THR B 262 -21.45 0.45 -5.30
CA THR B 262 -21.88 1.45 -6.27
C THR B 262 -21.59 1.05 -7.72
N GLU B 263 -22.31 1.59 -8.70
CA GLU B 263 -22.06 1.33 -10.14
C GLU B 263 -21.32 2.53 -10.74
N LEU B 264 -21.11 3.53 -9.89
CA LEU B 264 -20.41 4.73 -10.32
C LEU B 264 -18.91 4.48 -10.54
N PRO B 265 -18.27 5.35 -11.34
CA PRO B 265 -16.83 5.26 -11.62
C PRO B 265 -16.14 5.56 -10.26
N ILE B 266 -14.99 4.95 -9.99
CA ILE B 266 -14.27 5.22 -8.75
C ILE B 266 -12.82 5.55 -9.06
N GLY B 267 -12.38 6.75 -8.66
CA GLY B 267 -10.98 7.15 -8.84
C GLY B 267 -10.17 6.84 -7.57
N ALA B 268 -8.85 6.71 -7.71
CA ALA B 268 -8.02 6.39 -6.55
C ALA B 268 -6.72 7.21 -6.66
N TYR B 269 -6.41 7.96 -5.62
CA TYR B 269 -5.27 8.84 -5.70
C TYR B 269 -3.98 8.24 -5.11
N GLN B 270 -3.02 7.91 -5.99
CA GLN B 270 -1.71 7.41 -5.52
C GLN B 270 -0.98 8.70 -5.04
N VAL B 271 -1.11 8.98 -3.73
CA VAL B 271 -0.60 10.21 -3.14
C VAL B 271 0.92 10.51 -3.16
N SER B 272 1.24 11.78 -2.92
CA SER B 272 2.64 12.24 -2.93
C SER B 272 3.52 11.36 -2.04
N GLY B 273 2.96 10.95 -0.89
CA GLY B 273 3.70 10.13 0.05
C GLY B 273 4.12 8.79 -0.54
N GLU B 274 3.20 8.16 -1.28
CA GLU B 274 3.47 6.87 -1.94
C GLU B 274 4.56 7.06 -2.99
N TYR B 275 4.40 8.14 -3.78
CA TYR B 275 5.34 8.53 -4.82
C TYR B 275 6.74 8.70 -4.13
N ALA B 276 6.74 9.41 -3.02
CA ALA B 276 7.99 9.65 -2.30
C ALA B 276 8.64 8.35 -1.82
N MET B 277 7.87 7.46 -1.21
CA MET B 277 8.47 6.23 -0.72
C MET B 277 9.02 5.38 -1.86
N ILE B 278 8.37 5.37 -3.02
CA ILE B 278 8.88 4.60 -4.13
C ILE B 278 10.19 5.22 -4.65
N LYS B 279 10.17 6.51 -4.99
CA LYS B 279 11.37 7.24 -5.46
C LYS B 279 12.59 7.14 -4.53
N PHE B 280 12.44 7.38 -3.23
CA PHE B 280 13.61 7.32 -2.33
C PHE B 280 14.16 5.92 -2.12
N ALA B 281 13.29 4.94 -2.22
CA ALA B 281 13.73 3.56 -2.04
C ALA B 281 14.48 3.14 -3.30
N ALA B 282 14.01 3.64 -4.44
CA ALA B 282 14.66 3.35 -5.72
C ALA B 282 16.04 4.07 -5.76
N LEU B 283 16.10 5.32 -5.25
CA LEU B 283 17.34 6.13 -5.22
C LEU B 283 18.32 5.44 -4.35
N ALA B 284 17.82 4.88 -3.24
CA ALA B 284 18.69 4.18 -2.34
C ALA B 284 19.11 2.83 -2.95
N GLY B 285 18.65 2.54 -4.18
CA GLY B 285 18.95 1.27 -4.87
C GLY B 285 18.34 0.00 -4.23
N ALA B 286 17.40 0.16 -3.28
CA ALA B 286 16.76 -0.95 -2.56
C ALA B 286 15.68 -1.73 -3.35
N ILE B 287 15.05 -1.05 -4.31
CA ILE B 287 13.98 -1.62 -5.14
C ILE B 287 14.17 -1.11 -6.55
N ASP B 288 13.50 -1.77 -7.49
CA ASP B 288 13.48 -1.38 -8.91
C ASP B 288 12.24 -0.46 -9.06
N GLU B 289 12.49 0.81 -9.37
CA GLU B 289 11.38 1.76 -9.47
C GLU B 289 10.27 1.35 -10.43
N GLU B 290 10.63 1.04 -11.66
CA GLU B 290 9.64 0.69 -12.65
C GLU B 290 8.81 -0.51 -12.32
N LYS B 291 9.45 -1.55 -11.82
CA LYS B 291 8.69 -2.74 -11.52
C LYS B 291 7.78 -2.44 -10.35
N VAL B 292 8.26 -1.66 -9.37
CA VAL B 292 7.47 -1.31 -8.20
C VAL B 292 6.32 -0.33 -8.50
N VAL B 293 6.52 0.60 -9.43
CA VAL B 293 5.48 1.55 -9.85
C VAL B 293 4.41 0.76 -10.60
N LEU B 294 4.82 -0.09 -11.53
CA LEU B 294 3.82 -0.85 -12.28
C LEU B 294 3.01 -1.81 -11.40
N GLU B 295 3.65 -2.39 -10.40
CA GLU B 295 2.98 -3.31 -9.48
C GLU B 295 1.97 -2.52 -8.60
N SER B 296 2.42 -1.38 -8.11
CA SER B 296 1.63 -0.49 -7.28
C SER B 296 0.41 0.01 -8.05
N LEU B 297 0.62 0.49 -9.27
CA LEU B 297 -0.51 0.96 -10.04
C LEU B 297 -1.40 -0.23 -10.43
N GLY B 298 -0.81 -1.35 -10.81
CA GLY B 298 -1.67 -2.47 -11.14
C GLY B 298 -2.55 -2.97 -10.00
N SER B 299 -2.08 -2.88 -8.75
CA SER B 299 -2.87 -3.33 -7.59
C SER B 299 -4.08 -2.37 -7.40
N ILE B 300 -3.89 -1.07 -7.61
CA ILE B 300 -4.99 -0.13 -7.45
C ILE B 300 -6.10 -0.47 -8.48
N LYS B 301 -5.69 -0.80 -9.73
CA LYS B 301 -6.61 -1.26 -10.80
C LYS B 301 -7.31 -2.55 -10.36
N ARG B 302 -6.50 -3.51 -9.89
CA ARG B 302 -6.98 -4.81 -9.43
C ARG B 302 -8.07 -4.66 -8.37
N ALA B 303 -7.86 -3.76 -7.42
CA ALA B 303 -8.79 -3.49 -6.32
C ALA B 303 -10.16 -2.87 -6.71
N GLY B 304 -10.30 -2.44 -7.96
CA GLY B 304 -11.55 -1.85 -8.42
C GLY B 304 -11.46 -0.40 -8.93
N ALA B 305 -10.30 0.26 -8.91
CA ALA B 305 -10.30 1.66 -9.41
C ALA B 305 -10.45 1.71 -10.93
N ASP B 306 -11.22 2.71 -11.39
CA ASP B 306 -11.40 2.94 -12.84
C ASP B 306 -10.31 3.91 -13.36
N LEU B 307 -10.01 4.96 -12.56
CA LEU B 307 -8.98 5.96 -12.84
C LEU B 307 -8.01 6.03 -11.66
N ILE B 308 -6.73 6.27 -11.96
CA ILE B 308 -5.67 6.41 -10.95
C ILE B 308 -4.96 7.77 -11.09
N PHE B 309 -4.85 8.54 -10.01
CA PHE B 309 -4.14 9.85 -10.02
C PHE B 309 -2.69 9.49 -9.65
N SER B 310 -1.77 9.67 -10.60
CA SER B 310 -0.39 9.30 -10.39
C SER B 310 0.63 10.35 -10.89
N TYR B 311 1.59 10.64 -10.04
CA TYR B 311 2.63 11.62 -10.37
C TYR B 311 3.65 10.95 -11.30
N PHE B 312 3.50 9.64 -11.51
CA PHE B 312 4.40 8.88 -12.41
C PHE B 312 3.86 8.82 -13.83
N ALA B 313 2.63 9.30 -14.05
CA ALA B 313 2.02 9.19 -15.36
C ALA B 313 2.79 9.68 -16.61
N LEU B 314 3.46 10.83 -16.52
CA LEU B 314 4.18 11.40 -17.66
C LEU B 314 5.39 10.58 -18.08
N ASP B 315 6.23 10.16 -17.10
CA ASP B 315 7.43 9.35 -17.39
C ASP B 315 7.01 8.03 -17.96
N LEU B 316 5.98 7.41 -17.36
CA LEU B 316 5.44 6.13 -17.83
C LEU B 316 4.97 6.32 -19.28
N ALA B 317 4.34 7.48 -19.57
CA ALA B 317 3.87 7.82 -20.92
C ALA B 317 5.03 8.12 -21.90
N GLU B 318 5.92 9.04 -21.54
CA GLU B 318 7.02 9.33 -22.46
C GLU B 318 8.00 8.15 -22.67
N LYS B 319 8.31 7.39 -21.62
CA LYS B 319 9.23 6.23 -21.75
C LYS B 319 8.51 5.04 -22.38
N LYS B 320 7.27 5.28 -22.83
CA LYS B 320 6.45 4.28 -23.48
C LYS B 320 6.30 3.00 -22.64
N ILE B 321 6.41 3.14 -21.32
CA ILE B 321 6.20 2.01 -20.40
C ILE B 321 4.68 1.65 -20.35
N LEU B 322 3.78 2.63 -20.52
CA LEU B 322 2.34 2.35 -20.59
C LEU B 322 1.84 3.03 -21.89
N ARG B 323 0.89 2.39 -22.57
CA ARG B 323 0.31 2.93 -23.83
C ARG B 323 -1.22 3.01 -23.71
ZN ZN C . 11.61 -19.68 -0.82
MG MG D . -1.08 -22.83 -3.06
C1 DSB E . 9.96 -9.79 2.43
O2 DSB E . 10.29 -9.02 1.51
C2 DSB E . 9.74 -11.22 2.02
C3 DSB E . 9.07 -11.96 3.14
C5 DSB E . 9.41 -14.43 2.56
O1 DSB E . 9.80 -9.49 3.65
C6 DSB E . 8.78 -15.65 2.00
C8 DSB E . 8.96 -14.48 -0.38
C9 DSB E . 10.49 -14.48 -0.30
C10 DSB E . 11.14 -14.26 -1.66
O11 DSB E . 10.46 -14.52 -2.68
O12 DSB E . 12.32 -13.88 -1.65
C7 DSB E . 8.34 -15.48 0.57
C4 DSB E . 8.46 -13.26 2.68
ZN ZN F . -7.65 21.54 0.85
MG MG G . -18.21 13.76 2.35
C1 DSB H . -1.02 13.98 -2.05
O2 DSB H . -0.23 13.68 -1.12
C2 DSB H . -2.31 14.73 -1.67
C3 DSB H . -3.18 15.04 -2.91
C5 DSB H . -5.14 16.65 -2.59
O1 DSB H . -0.80 13.69 -3.24
C6 DSB H . -6.41 16.86 -1.93
C8 DSB H . -5.66 17.10 0.59
C9 DSB H . -4.14 17.00 0.47
C10 DSB H . -3.56 17.57 1.78
O11 DSB H . -4.25 17.51 2.83
O12 DSB H . -2.42 18.06 1.70
C7 DSB H . -6.38 16.40 -0.51
C4 DSB H . -4.63 15.22 -2.57
#